data_8I2J
#
_entry.id   8I2J
#
_cell.length_a   61.795
_cell.length_b   80.423
_cell.length_c   78.658
_cell.angle_alpha   90.00
_cell.angle_beta   105.65
_cell.angle_gamma   90.00
#
_symmetry.space_group_name_H-M   'P 1 21 1'
#
loop_
_entity.id
_entity.type
_entity.pdbx_description
1 polymer 'Tryptophan--tRNA ligase'
2 non-polymer 1-(4-methoxyphenyl)ethanone
3 non-polymer "TRYPTOPHANYL-5'AMP"
4 non-polymer 'SULFATE ION'
5 water water
#
_entity_poly.entity_id   1
_entity_poly.type   'polypeptide(L)'
_entity_poly.pdbx_seq_one_letter_code
;MTKPIVFSGAQPSGELTIGNYMGALRQWVNMQDDYHCIYCIVDQHAITVRQDAQKLRKATLDTLALYLACGIDPEKSTIF
VQSHVPEHAQLGWALNCYTYFGELSRMTQFKDKSARYAENINAGLFDYPVLMAADILLYQTNLVPVGEDQKQHLELSRDI
AQRFNALYGEIFKVPEPFIPKSGARVMSLLEPTKKMSKSDDNRNNVIGLLEDPKSVVKKIKRAVTDSDEPPVVRYDVQNK
AGVSNLLDILSAVTGQSIPELEKQFEGKMYGHLKGEVADAVSGMLTELQERYHRFRNDEAFLQQVMKDGAEKASAHASRT
LKAVYEAIGFVAKRHHHHHH
;
_entity_poly.pdbx_strand_id   A,B
#
loop_
_chem_comp.id
_chem_comp.type
_chem_comp.name
_chem_comp.formula
O9F non-polymer 1-(4-methoxyphenyl)ethanone 'C9 H10 O2'
SO4 non-polymer 'SULFATE ION' 'O4 S -2'
TYM non-polymer TRYPTOPHANYL-5'AMP 'C21 H24 N7 O8 P'
#
# COMPACT_ATOMS: atom_id res chain seq x y z
N LYS A 3 -30.73 -2.02 0.26
CA LYS A 3 -30.22 -1.26 -0.92
C LYS A 3 -28.82 -1.74 -1.31
N PRO A 4 -28.58 -2.00 -2.63
CA PRO A 4 -27.22 -2.38 -3.03
C PRO A 4 -26.21 -1.24 -2.83
N ILE A 5 -24.98 -1.59 -2.50
CA ILE A 5 -23.92 -0.61 -2.22
C ILE A 5 -23.16 -0.32 -3.53
N VAL A 6 -23.09 0.96 -3.89
CA VAL A 6 -22.38 1.41 -5.10
C VAL A 6 -21.15 2.23 -4.70
N PHE A 7 -20.01 1.97 -5.34
CA PHE A 7 -18.77 2.68 -5.08
C PHE A 7 -18.24 3.38 -6.33
N SER A 8 -17.84 4.65 -6.17
CA SER A 8 -17.29 5.47 -7.27
C SER A 8 -16.05 6.22 -6.81
N GLY A 9 -14.94 6.05 -7.53
CA GLY A 9 -13.69 6.78 -7.27
C GLY A 9 -13.65 8.07 -8.05
N ALA A 10 -13.64 9.20 -7.34
CA ALA A 10 -13.59 10.54 -7.95
C ALA A 10 -12.17 11.10 -7.89
N GLN A 11 -11.53 11.24 -9.05
CA GLN A 11 -10.16 11.78 -9.12
C GLN A 11 -10.14 13.28 -8.81
N PRO A 12 -9.26 13.73 -7.88
CA PRO A 12 -9.14 15.15 -7.59
C PRO A 12 -8.08 15.82 -8.48
N SER A 13 -8.42 15.96 -9.76
CA SER A 13 -7.49 16.49 -10.76
C SER A 13 -8.20 17.15 -11.93
N GLY A 14 -9.04 16.39 -12.62
CA GLY A 14 -9.75 16.88 -13.80
C GLY A 14 -10.79 17.94 -13.50
N GLU A 15 -11.05 18.79 -14.50
CA GLU A 15 -12.17 19.72 -14.48
C GLU A 15 -13.31 19.03 -15.23
N LEU A 16 -14.40 18.71 -14.52
CA LEU A 16 -15.51 17.96 -15.10
C LEU A 16 -16.17 18.72 -16.24
N THR A 17 -16.65 17.99 -17.24
CA THR A 17 -17.32 18.56 -18.41
C THR A 17 -18.83 18.43 -18.28
N ILE A 18 -19.56 19.04 -19.22
CA ILE A 18 -21.01 18.84 -19.33
C ILE A 18 -21.37 17.40 -19.72
N GLY A 19 -20.48 16.73 -20.45
CA GLY A 19 -20.61 15.32 -20.77
C GLY A 19 -20.55 14.42 -19.54
N ASN A 20 -19.61 14.71 -18.65
CA ASN A 20 -19.54 14.05 -17.33
C ASN A 20 -20.79 14.33 -16.50
N TYR A 21 -21.23 15.58 -16.50
CA TYR A 21 -22.38 16.00 -15.70
C TYR A 21 -23.71 15.43 -16.20
N MET A 22 -24.09 15.79 -17.43
CA MET A 22 -25.35 15.33 -18.03
C MET A 22 -25.38 13.82 -18.27
N GLY A 23 -24.21 13.22 -18.48
CA GLY A 23 -24.09 11.77 -18.59
C GLY A 23 -24.24 11.06 -17.25
N ALA A 24 -23.15 10.48 -16.77
CA ALA A 24 -23.17 9.62 -15.57
C ALA A 24 -23.54 10.32 -14.27
N LEU A 25 -23.05 11.55 -14.05
CA LEU A 25 -23.24 12.21 -12.76
C LEU A 25 -24.72 12.56 -12.48
N ARG A 26 -25.40 13.17 -13.44
CA ARG A 26 -26.84 13.49 -13.29
C ARG A 26 -27.71 12.23 -13.22
N GLN A 27 -27.30 11.18 -13.93
CA GLN A 27 -27.91 9.84 -13.79
C GLN A 27 -27.91 9.39 -12.32
N TRP A 28 -26.76 9.51 -11.66
CA TRP A 28 -26.58 9.01 -10.29
C TRP A 28 -27.14 9.91 -9.18
N VAL A 29 -27.26 11.22 -9.44
CA VAL A 29 -27.87 12.14 -8.48
C VAL A 29 -29.34 11.78 -8.17
N ASN A 30 -30.07 11.28 -9.17
CA ASN A 30 -31.47 10.87 -8.99
C ASN A 30 -31.66 9.44 -8.46
N MET A 31 -30.57 8.68 -8.28
CA MET A 31 -30.63 7.31 -7.75
C MET A 31 -30.02 7.16 -6.34
N GLN A 32 -30.00 8.25 -5.57
CA GLN A 32 -29.39 8.25 -4.23
C GLN A 32 -30.26 7.59 -3.16
N ASP A 33 -31.57 7.49 -3.40
CA ASP A 33 -32.48 6.73 -2.52
C ASP A 33 -32.63 5.26 -2.96
N ASP A 34 -32.31 4.97 -4.21
CA ASP A 34 -32.38 3.60 -4.73
C ASP A 34 -31.21 2.74 -4.24
N TYR A 35 -30.02 3.32 -4.17
CA TYR A 35 -28.81 2.63 -3.73
C TYR A 35 -28.14 3.33 -2.56
N HIS A 36 -27.25 2.61 -1.89
CA HIS A 36 -26.33 3.18 -0.91
C HIS A 36 -25.08 3.65 -1.67
N CYS A 37 -25.12 4.89 -2.15
CA CYS A 37 -24.04 5.42 -2.99
C CYS A 37 -22.87 5.95 -2.15
N ILE A 38 -21.66 5.58 -2.55
CA ILE A 38 -20.43 5.98 -1.88
C ILE A 38 -19.52 6.65 -2.90
N TYR A 39 -19.11 7.89 -2.61
CA TYR A 39 -18.18 8.64 -3.46
C TYR A 39 -16.88 8.90 -2.70
N CYS A 40 -15.80 8.31 -3.19
CA CYS A 40 -14.48 8.43 -2.57
C CYS A 40 -13.60 9.32 -3.43
N ILE A 41 -13.19 10.47 -2.89
CA ILE A 41 -12.27 11.37 -3.59
C ILE A 41 -10.87 10.79 -3.42
N VAL A 42 -10.29 10.30 -4.52
CA VAL A 42 -9.11 9.41 -4.46
C VAL A 42 -7.77 10.14 -4.53
N ASP A 43 -7.46 10.86 -3.45
CA ASP A 43 -6.19 11.61 -3.34
C ASP A 43 -4.95 10.70 -3.23
N GLN A 44 -5.11 9.51 -2.66
CA GLN A 44 -4.03 8.51 -2.61
C GLN A 44 -3.69 7.93 -3.99
N HIS A 45 -4.68 7.81 -4.86
CA HIS A 45 -4.44 7.43 -6.27
C HIS A 45 -3.75 8.54 -7.06
N ALA A 46 -4.14 9.79 -6.80
CA ALA A 46 -3.60 10.96 -7.52
C ALA A 46 -2.07 11.08 -7.48
N ILE A 47 -1.49 10.82 -6.31
CA ILE A 47 -0.02 10.95 -6.11
C ILE A 47 0.87 9.97 -6.90
N THR A 48 0.27 9.00 -7.59
CA THR A 48 0.99 8.16 -8.55
C THR A 48 1.65 8.99 -9.67
N VAL A 49 0.99 10.09 -10.05
CA VAL A 49 1.57 11.10 -10.94
C VAL A 49 2.05 12.26 -10.08
N ARG A 50 3.35 12.58 -10.19
CA ARG A 50 3.96 13.66 -9.42
C ARG A 50 3.32 14.99 -9.78
N GLN A 51 2.87 15.71 -8.75
CA GLN A 51 2.20 17.01 -8.94
C GLN A 51 2.42 17.93 -7.74
N ASP A 52 2.13 19.21 -7.95
CA ASP A 52 2.31 20.24 -6.92
C ASP A 52 1.40 19.96 -5.72
N ALA A 53 1.98 20.06 -4.52
CA ALA A 53 1.27 19.70 -3.28
C ALA A 53 0.07 20.59 -2.99
N GLN A 54 0.26 21.90 -3.14
CA GLN A 54 -0.81 22.87 -2.86
C GLN A 54 -1.98 22.77 -3.84
N LYS A 55 -1.70 22.44 -5.10
CA LYS A 55 -2.75 22.23 -6.10
C LYS A 55 -3.56 20.96 -5.85
N LEU A 56 -2.93 19.93 -5.26
CA LEU A 56 -3.62 18.69 -4.88
C LEU A 56 -4.61 18.92 -3.74
N ARG A 57 -4.22 19.70 -2.74
CA ARG A 57 -5.11 20.10 -1.65
C ARG A 57 -6.28 20.95 -2.15
N LYS A 58 -5.99 21.83 -3.10
CA LYS A 58 -6.99 22.68 -3.74
C LYS A 58 -7.97 21.84 -4.58
N ALA A 59 -7.42 20.94 -5.41
CA ALA A 59 -8.22 20.09 -6.29
C ALA A 59 -9.16 19.13 -5.54
N THR A 60 -8.76 18.68 -4.36
CA THR A 60 -9.60 17.82 -3.50
C THR A 60 -10.84 18.60 -3.03
N LEU A 61 -10.64 19.82 -2.57
CA LEU A 61 -11.74 20.71 -2.16
C LEU A 61 -12.57 21.19 -3.35
N ASP A 62 -11.94 21.38 -4.51
CA ASP A 62 -12.65 21.69 -5.76
C ASP A 62 -13.61 20.55 -6.14
N THR A 63 -13.09 19.34 -6.16
CA THR A 63 -13.87 18.13 -6.50
C THR A 63 -15.00 17.88 -5.50
N LEU A 64 -14.73 18.08 -4.21
CA LEU A 64 -15.75 17.92 -3.16
C LEU A 64 -16.92 18.89 -3.37
N ALA A 65 -16.59 20.17 -3.54
CA ALA A 65 -17.60 21.22 -3.74
C ALA A 65 -18.40 21.02 -5.02
N LEU A 66 -17.72 20.58 -6.09
CA LEU A 66 -18.34 20.38 -7.40
C LEU A 66 -19.32 19.20 -7.41
N TYR A 67 -18.93 18.08 -6.80
CA TYR A 67 -19.84 16.93 -6.63
C TYR A 67 -21.06 17.31 -5.78
N LEU A 68 -20.82 18.04 -4.70
CA LEU A 68 -21.91 18.60 -3.87
C LEU A 68 -22.80 19.56 -4.65
N ALA A 69 -22.19 20.39 -5.51
CA ALA A 69 -22.93 21.32 -6.37
C ALA A 69 -23.78 20.61 -7.42
N CYS A 70 -23.24 19.51 -7.98
CA CYS A 70 -23.95 18.69 -8.97
C CYS A 70 -25.16 17.94 -8.40
N GLY A 71 -25.26 17.83 -7.08
CA GLY A 71 -26.45 17.27 -6.42
C GLY A 71 -26.24 16.09 -5.48
N ILE A 72 -24.99 15.70 -5.22
CA ILE A 72 -24.69 14.62 -4.28
C ILE A 72 -25.04 15.12 -2.87
N ASP A 73 -25.78 14.29 -2.14
CA ASP A 73 -26.36 14.65 -0.85
C ASP A 73 -25.58 13.92 0.26
N PRO A 74 -24.92 14.68 1.16
CA PRO A 74 -24.23 14.07 2.32
C PRO A 74 -25.13 13.24 3.27
N GLU A 75 -26.42 13.59 3.34
CA GLU A 75 -27.38 12.84 4.16
C GLU A 75 -27.69 11.48 3.55
N LYS A 76 -28.01 11.45 2.26
CA LYS A 76 -28.35 10.21 1.54
C LYS A 76 -27.10 9.38 1.24
N SER A 77 -26.14 9.99 0.54
CA SER A 77 -24.91 9.31 0.10
C SER A 77 -23.73 9.62 1.02
N THR A 78 -22.81 8.67 1.13
CA THR A 78 -21.54 8.87 1.83
C THR A 78 -20.53 9.49 0.85
N ILE A 79 -19.97 10.64 1.21
CA ILE A 79 -18.92 11.30 0.41
C ILE A 79 -17.73 11.67 1.31
N PHE A 80 -16.53 11.27 0.90
CA PHE A 80 -15.33 11.38 1.75
C PHE A 80 -14.02 11.40 0.96
N VAL A 81 -12.95 11.81 1.64
CA VAL A 81 -11.60 11.82 1.08
C VAL A 81 -10.93 10.49 1.42
N GLN A 82 -10.25 9.89 0.45
CA GLN A 82 -9.66 8.55 0.59
C GLN A 82 -8.64 8.48 1.73
N SER A 83 -7.74 9.47 1.80
CA SER A 83 -6.69 9.52 2.83
C SER A 83 -7.18 9.64 4.27
N HIS A 84 -8.42 10.11 4.45
CA HIS A 84 -9.04 10.20 5.79
C HIS A 84 -9.45 8.84 6.37
N VAL A 85 -9.44 7.78 5.56
CA VAL A 85 -9.79 6.43 6.00
C VAL A 85 -8.58 5.53 5.84
N PRO A 86 -7.84 5.25 6.96
CA PRO A 86 -6.65 4.38 6.94
C PRO A 86 -6.87 2.97 6.37
N GLU A 87 -8.08 2.44 6.52
CA GLU A 87 -8.41 1.06 6.12
C GLU A 87 -8.13 0.75 4.64
N HIS A 88 -8.21 1.77 3.79
CA HIS A 88 -7.88 1.64 2.35
C HIS A 88 -6.44 1.16 2.14
N ALA A 89 -5.51 1.84 2.81
CA ALA A 89 -4.09 1.47 2.78
C ALA A 89 -3.84 0.11 3.44
N GLN A 90 -4.54 -0.14 4.55
CA GLN A 90 -4.37 -1.37 5.34
C GLN A 90 -4.80 -2.62 4.57
N LEU A 91 -6.00 -2.58 4.00
CA LEU A 91 -6.52 -3.68 3.19
C LEU A 91 -5.72 -3.82 1.90
N GLY A 92 -5.31 -2.70 1.31
CA GLY A 92 -4.54 -2.71 0.07
C GLY A 92 -3.21 -3.45 0.18
N TRP A 93 -2.54 -3.32 1.33
CA TRP A 93 -1.34 -4.13 1.58
C TRP A 93 -1.68 -5.61 1.70
N ALA A 94 -2.74 -5.92 2.44
CA ALA A 94 -3.18 -7.31 2.59
C ALA A 94 -3.47 -7.92 1.22
N LEU A 95 -4.21 -7.21 0.38
CA LEU A 95 -4.57 -7.69 -0.95
C LEU A 95 -3.38 -7.77 -1.94
N ASN A 96 -2.33 -6.97 -1.70
CA ASN A 96 -1.04 -7.16 -2.41
C ASN A 96 -0.54 -8.60 -2.29
N CYS A 97 -0.63 -9.14 -1.08
CA CYS A 97 -0.16 -10.51 -0.80
C CYS A 97 -1.01 -11.63 -1.41
N TYR A 98 -2.24 -11.31 -1.84
CA TYR A 98 -3.10 -12.25 -2.58
C TYR A 98 -3.37 -11.79 -4.03
N THR A 99 -2.46 -10.99 -4.58
CA THR A 99 -2.51 -10.55 -5.98
C THR A 99 -1.20 -10.99 -6.64
N TYR A 100 -1.31 -11.65 -7.80
CA TYR A 100 -0.14 -12.10 -8.54
C TYR A 100 0.62 -10.91 -9.14
N PHE A 101 1.95 -11.00 -9.13
CA PHE A 101 2.82 -10.03 -9.80
C PHE A 101 2.52 -9.98 -11.30
N GLY A 102 2.31 -11.16 -11.89
CA GLY A 102 1.90 -11.32 -13.28
C GLY A 102 0.64 -10.56 -13.67
N GLU A 103 -0.36 -10.54 -12.79
CA GLU A 103 -1.62 -9.82 -13.04
C GLU A 103 -1.41 -8.32 -13.24
N LEU A 104 -0.59 -7.71 -12.37
CA LEU A 104 -0.28 -6.27 -12.46
C LEU A 104 0.57 -5.92 -13.67
N SER A 105 1.55 -6.76 -13.99
CA SER A 105 2.38 -6.57 -15.19
C SER A 105 1.60 -6.81 -16.49
N ARG A 106 0.57 -7.65 -16.44
CA ARG A 106 -0.32 -7.89 -17.60
C ARG A 106 -1.36 -6.78 -17.86
N MET A 107 -1.47 -5.79 -16.96
CA MET A 107 -2.42 -4.67 -17.14
C MET A 107 -1.98 -3.80 -18.32
N THR A 108 -2.89 -3.61 -19.29
CA THR A 108 -2.61 -2.84 -20.49
C THR A 108 -2.62 -1.34 -20.20
N GLU A 119 10.83 0.53 -15.53
CA GLU A 119 12.11 0.94 -14.96
C GLU A 119 12.02 2.30 -14.26
N ASN A 120 11.67 3.34 -15.03
CA ASN A 120 11.53 4.71 -14.52
C ASN A 120 10.14 5.04 -13.94
N ILE A 121 9.17 4.14 -14.08
CA ILE A 121 7.83 4.35 -13.49
C ILE A 121 7.86 4.07 -11.98
N ASN A 122 7.09 4.83 -11.21
CA ASN A 122 7.04 4.62 -9.76
C ASN A 122 6.14 3.44 -9.40
N ALA A 123 6.43 2.82 -8.25
CA ALA A 123 5.73 1.61 -7.80
C ALA A 123 4.23 1.80 -7.57
N GLY A 124 3.81 3.03 -7.28
CA GLY A 124 2.40 3.38 -7.16
C GLY A 124 1.63 3.22 -8.46
N LEU A 125 2.25 3.65 -9.56
CA LEU A 125 1.64 3.51 -10.90
C LEU A 125 1.53 2.04 -11.32
N PHE A 126 2.46 1.20 -10.86
CA PHE A 126 2.40 -0.25 -11.06
C PHE A 126 1.33 -0.93 -10.21
N ASP A 127 1.17 -0.45 -8.97
CA ASP A 127 0.42 -1.17 -7.93
C ASP A 127 -0.95 -0.58 -7.53
N TYR A 128 -1.39 0.51 -8.18
CA TYR A 128 -2.68 1.13 -7.83
C TYR A 128 -3.93 0.27 -8.08
N PRO A 129 -3.90 -0.69 -9.04
CA PRO A 129 -5.08 -1.57 -9.16
C PRO A 129 -5.43 -2.39 -7.91
N VAL A 130 -4.43 -2.71 -7.07
CA VAL A 130 -4.66 -3.44 -5.81
C VAL A 130 -5.33 -2.51 -4.79
N LEU A 131 -4.85 -1.27 -4.70
CA LEU A 131 -5.51 -0.23 -3.89
C LEU A 131 -6.92 0.02 -4.39
N MET A 132 -7.07 0.06 -5.71
CA MET A 132 -8.37 0.23 -6.36
C MET A 132 -9.34 -0.92 -6.03
N ALA A 133 -8.81 -2.14 -5.90
CA ALA A 133 -9.59 -3.29 -5.42
C ALA A 133 -9.99 -3.14 -3.96
N ALA A 134 -9.04 -2.72 -3.12
CA ALA A 134 -9.31 -2.46 -1.69
C ALA A 134 -10.35 -1.37 -1.48
N ASP A 135 -10.32 -0.33 -2.32
CA ASP A 135 -11.32 0.75 -2.29
C ASP A 135 -12.74 0.20 -2.43
N ILE A 136 -12.91 -0.70 -3.41
CA ILE A 136 -14.21 -1.31 -3.71
C ILE A 136 -14.60 -2.33 -2.65
N LEU A 137 -13.71 -3.28 -2.36
CA LEU A 137 -14.03 -4.42 -1.49
C LEU A 137 -14.20 -4.08 -0.01
N LEU A 138 -13.64 -2.95 0.44
CA LEU A 138 -13.84 -2.47 1.82
C LEU A 138 -15.29 -2.29 2.25
N TYR A 139 -16.13 -1.80 1.34
CA TYR A 139 -17.50 -1.39 1.68
C TYR A 139 -18.58 -2.40 1.28
N GLN A 140 -18.18 -3.66 1.06
CA GLN A 140 -19.09 -4.73 0.63
C GLN A 140 -19.87 -4.29 -0.62
N THR A 141 -19.13 -3.81 -1.61
CA THR A 141 -19.70 -3.17 -2.79
C THR A 141 -20.34 -4.20 -3.72
N ASN A 142 -21.56 -3.89 -4.16
CA ASN A 142 -22.31 -4.74 -5.09
C ASN A 142 -22.10 -4.30 -6.53
N LEU A 143 -22.25 -2.99 -6.78
CA LEU A 143 -22.16 -2.40 -8.13
C LEU A 143 -21.05 -1.37 -8.21
N VAL A 144 -20.34 -1.35 -9.34
CA VAL A 144 -19.28 -0.37 -9.59
C VAL A 144 -19.42 0.15 -11.03
N PRO A 145 -19.85 1.42 -11.20
CA PRO A 145 -19.88 1.98 -12.56
C PRO A 145 -18.48 2.25 -13.08
N VAL A 146 -18.19 1.81 -14.30
CA VAL A 146 -16.85 1.97 -14.91
C VAL A 146 -16.94 2.25 -16.41
N GLY A 147 -15.90 2.90 -16.92
CA GLY A 147 -15.68 3.03 -18.36
C GLY A 147 -14.93 1.81 -18.89
N GLU A 148 -14.71 1.80 -20.20
CA GLU A 148 -13.96 0.72 -20.87
C GLU A 148 -12.51 0.62 -20.33
N ASP A 149 -11.89 1.79 -20.14
CA ASP A 149 -10.51 1.88 -19.59
C ASP A 149 -10.33 1.33 -18.16
N GLN A 150 -11.39 1.28 -17.36
CA GLN A 150 -11.37 0.72 -16.01
C GLN A 150 -12.03 -0.67 -15.88
N LYS A 151 -12.42 -1.28 -17.01
CA LYS A 151 -13.04 -2.62 -17.00
C LYS A 151 -12.08 -3.72 -16.56
N GLN A 152 -10.82 -3.59 -16.95
CA GLN A 152 -9.75 -4.52 -16.55
C GLN A 152 -9.45 -4.44 -15.04
N HIS A 153 -9.58 -3.25 -14.46
CA HIS A 153 -9.30 -3.01 -13.04
C HIS A 153 -10.40 -3.60 -12.14
N LEU A 154 -11.65 -3.49 -12.57
CA LEU A 154 -12.78 -4.13 -11.89
C LEU A 154 -12.67 -5.66 -11.94
N GLU A 155 -12.20 -6.18 -13.08
CA GLU A 155 -12.06 -7.64 -13.26
C GLU A 155 -11.02 -8.24 -12.30
N LEU A 156 -9.92 -7.51 -12.08
CA LEU A 156 -8.91 -7.89 -11.11
C LEU A 156 -9.47 -7.92 -9.67
N SER A 157 -10.25 -6.89 -9.33
CA SER A 157 -10.91 -6.78 -8.02
C SER A 157 -11.84 -7.96 -7.73
N ARG A 158 -12.54 -8.43 -8.77
CA ARG A 158 -13.40 -9.60 -8.68
C ARG A 158 -12.60 -10.90 -8.53
N ASP A 159 -11.48 -11.01 -9.25
CA ASP A 159 -10.58 -12.16 -9.12
C ASP A 159 -9.95 -12.24 -7.73
N ILE A 160 -9.53 -11.09 -7.19
CA ILE A 160 -8.98 -10.99 -5.83
C ILE A 160 -10.03 -11.39 -4.79
N ALA A 161 -11.26 -10.90 -4.96
CA ALA A 161 -12.36 -11.19 -4.05
C ALA A 161 -12.69 -12.68 -3.99
N GLN A 162 -12.83 -13.30 -5.17
CA GLN A 162 -13.11 -14.73 -5.27
C GLN A 162 -11.95 -15.59 -4.77
N ARG A 163 -10.71 -15.17 -5.06
CA ARG A 163 -9.52 -15.86 -4.58
C ARG A 163 -9.44 -15.87 -3.05
N PHE A 164 -9.63 -14.69 -2.46
CA PHE A 164 -9.61 -14.53 -1.00
C PHE A 164 -10.77 -15.28 -0.35
N ASN A 165 -11.98 -15.12 -0.91
CA ASN A 165 -13.18 -15.80 -0.40
C ASN A 165 -13.07 -17.34 -0.44
N ALA A 166 -12.45 -17.86 -1.50
CA ALA A 166 -12.24 -19.31 -1.65
C ALA A 166 -11.33 -19.91 -0.57
N LEU A 167 -10.36 -19.13 -0.09
CA LEU A 167 -9.46 -19.56 1.00
C LEU A 167 -10.10 -19.41 2.38
N TYR A 168 -10.83 -18.31 2.60
CA TYR A 168 -11.24 -17.88 3.95
C TYR A 168 -12.75 -17.75 4.19
N GLY A 169 -13.58 -18.15 3.23
CA GLY A 169 -15.03 -18.00 3.36
C GLY A 169 -15.49 -16.65 2.82
N GLU A 170 -16.81 -16.41 2.87
CA GLU A 170 -17.40 -15.24 2.21
C GLU A 170 -17.18 -13.94 3.00
N ILE A 171 -15.96 -13.40 2.90
CA ILE A 171 -15.57 -12.15 3.55
C ILE A 171 -16.01 -10.96 2.70
N PHE A 172 -15.65 -10.99 1.41
CA PHE A 172 -15.99 -9.93 0.46
C PHE A 172 -17.22 -10.27 -0.38
N LYS A 173 -17.93 -9.24 -0.82
CA LYS A 173 -18.88 -9.36 -1.93
C LYS A 173 -18.07 -9.35 -3.21
N VAL A 174 -18.45 -10.18 -4.17
CA VAL A 174 -17.90 -10.10 -5.53
C VAL A 174 -18.68 -8.98 -6.22
N PRO A 175 -18.01 -7.85 -6.54
CA PRO A 175 -18.73 -6.73 -7.16
C PRO A 175 -19.06 -6.97 -8.63
N GLU A 176 -20.09 -6.29 -9.13
CA GLU A 176 -20.48 -6.36 -10.53
C GLU A 176 -20.35 -4.97 -11.16
N PRO A 177 -20.24 -4.92 -12.50
CA PRO A 177 -20.31 -3.62 -13.18
C PRO A 177 -21.74 -3.11 -13.26
N PHE A 178 -21.93 -1.80 -13.19
CA PHE A 178 -23.22 -1.18 -13.44
C PHE A 178 -23.38 -1.03 -14.95
N ILE A 179 -24.27 -1.82 -15.55
CA ILE A 179 -24.34 -1.97 -17.01
C ILE A 179 -24.97 -0.75 -17.72
N PRO A 180 -26.18 -0.32 -17.31
CA PRO A 180 -26.89 0.71 -18.10
C PRO A 180 -26.18 2.06 -18.20
N LYS A 181 -25.95 2.52 -19.43
CA LYS A 181 -25.37 3.84 -19.69
C LYS A 181 -26.42 4.95 -19.51
N SER A 182 -25.94 6.20 -19.44
CA SER A 182 -26.79 7.36 -19.12
C SER A 182 -27.90 7.63 -20.14
N GLY A 183 -27.53 7.64 -21.42
CA GLY A 183 -28.45 7.97 -22.51
C GLY A 183 -28.12 9.29 -23.19
N ALA A 184 -27.63 10.26 -22.42
CA ALA A 184 -27.19 11.55 -22.96
C ALA A 184 -25.87 11.42 -23.71
N ARG A 185 -25.88 11.73 -25.00
CA ARG A 185 -24.67 11.73 -25.83
C ARG A 185 -24.05 13.11 -25.86
N VAL A 186 -22.75 13.20 -25.59
CA VAL A 186 -22.00 14.47 -25.65
C VAL A 186 -20.65 14.21 -26.31
N MET A 187 -20.53 14.59 -27.58
CA MET A 187 -19.30 14.40 -28.37
C MET A 187 -18.45 15.67 -28.34
N SER A 188 -17.18 15.52 -28.72
CA SER A 188 -16.24 16.66 -28.75
C SER A 188 -16.62 17.66 -29.86
N LEU A 189 -16.39 18.94 -29.58
CA LEU A 189 -16.90 20.02 -30.43
C LEU A 189 -16.22 20.11 -31.81
N LEU A 190 -14.90 20.02 -31.84
CA LEU A 190 -14.14 20.07 -33.09
C LEU A 190 -13.90 18.68 -33.72
N GLU A 191 -14.25 17.62 -32.99
CA GLU A 191 -14.15 16.24 -33.47
C GLU A 191 -15.39 15.45 -33.02
N PRO A 192 -16.54 15.63 -33.71
CA PRO A 192 -17.81 15.04 -33.28
C PRO A 192 -17.92 13.50 -33.33
N THR A 193 -16.97 12.82 -33.98
CA THR A 193 -16.86 11.36 -33.89
C THR A 193 -16.35 10.92 -32.51
N LYS A 194 -15.44 11.72 -31.93
CA LYS A 194 -14.84 11.45 -30.61
C LYS A 194 -15.74 11.92 -29.46
N LYS A 195 -15.83 11.12 -28.41
CA LYS A 195 -16.61 11.46 -27.22
C LYS A 195 -15.90 12.52 -26.38
N MET A 196 -16.69 13.43 -25.79
CA MET A 196 -16.15 14.51 -24.96
C MET A 196 -15.62 13.95 -23.63
N SER A 197 -14.34 14.19 -23.35
CA SER A 197 -13.67 13.65 -22.17
C SER A 197 -12.83 14.69 -21.47
N LYS A 198 -12.99 14.78 -20.15
CA LYS A 198 -12.16 15.63 -19.27
C LYS A 198 -10.66 15.40 -19.48
N ASP A 200 -9.29 15.55 -22.34
CA ASP A 200 -8.81 16.01 -23.64
C ASP A 200 -7.75 17.10 -23.48
N ASP A 201 -6.78 17.09 -24.40
CA ASP A 201 -5.73 18.12 -24.46
C ASP A 201 -6.28 19.36 -25.16
N ASN A 202 -7.05 19.14 -26.23
CA ASN A 202 -7.78 20.20 -26.93
C ASN A 202 -8.92 20.65 -26.01
N ARG A 203 -8.76 21.81 -25.37
CA ARG A 203 -9.77 22.32 -24.44
C ARG A 203 -10.90 23.09 -25.13
N ASN A 204 -10.75 23.38 -26.44
CA ASN A 204 -11.88 23.85 -27.25
C ASN A 204 -12.81 22.71 -27.70
N ASN A 205 -12.39 21.46 -27.51
CA ASN A 205 -13.28 20.29 -27.67
C ASN A 205 -14.31 20.13 -26.54
N VAL A 206 -14.05 20.73 -25.36
CA VAL A 206 -14.86 20.47 -24.16
C VAL A 206 -15.43 21.75 -23.54
N ILE A 207 -16.58 21.62 -22.87
CA ILE A 207 -17.19 22.67 -22.08
C ILE A 207 -17.09 22.28 -20.60
N GLY A 208 -16.24 22.96 -19.84
CA GLY A 208 -16.14 22.75 -18.40
C GLY A 208 -17.34 23.32 -17.65
N LEU A 209 -17.61 22.79 -16.47
CA LEU A 209 -18.77 23.20 -15.67
C LEU A 209 -18.64 24.59 -15.04
N LEU A 210 -17.40 25.08 -14.88
CA LEU A 210 -17.15 26.41 -14.30
C LEU A 210 -17.04 27.55 -15.32
N GLU A 211 -17.19 27.25 -16.61
CA GLU A 211 -17.06 28.25 -17.67
C GLU A 211 -18.19 29.29 -17.66
N ASP A 212 -17.82 30.57 -17.78
CA ASP A 212 -18.78 31.67 -17.84
C ASP A 212 -19.48 31.72 -19.22
N PRO A 213 -20.66 32.38 -19.31
CA PRO A 213 -21.41 32.47 -20.58
C PRO A 213 -20.61 32.90 -21.81
N LYS A 214 -19.69 33.85 -21.66
CA LYS A 214 -18.88 34.34 -22.78
C LYS A 214 -18.01 33.24 -23.41
N SER A 215 -17.40 32.41 -22.57
CA SER A 215 -16.58 31.28 -23.04
C SER A 215 -17.41 30.19 -23.72
N VAL A 216 -18.64 29.99 -23.27
CA VAL A 216 -19.56 29.01 -23.87
C VAL A 216 -20.00 29.44 -25.28
N VAL A 217 -20.25 30.75 -25.46
CA VAL A 217 -20.57 31.31 -26.79
C VAL A 217 -19.39 31.15 -27.75
N LYS A 218 -18.17 31.40 -27.27
CA LYS A 218 -16.96 31.30 -28.08
C LYS A 218 -16.67 29.88 -28.56
N LYS A 219 -16.85 28.90 -27.69
CA LYS A 219 -16.60 27.48 -28.02
C LYS A 219 -17.67 26.87 -28.93
N ILE A 220 -18.95 27.13 -28.63
CA ILE A 220 -20.06 26.62 -29.44
C ILE A 220 -20.07 27.23 -30.85
N LYS A 221 -19.69 28.51 -30.97
CA LYS A 221 -19.56 29.17 -32.27
C LYS A 221 -18.51 28.47 -33.16
N ARG A 222 -17.36 28.13 -32.58
CA ARG A 222 -16.29 27.45 -33.30
C ARG A 222 -16.55 25.98 -33.62
N ALA A 223 -17.51 25.36 -32.93
CA ALA A 223 -17.84 23.93 -33.10
C ALA A 223 -18.24 23.59 -34.54
N VAL A 224 -17.63 22.55 -35.09
CA VAL A 224 -17.79 22.20 -36.51
C VAL A 224 -19.20 21.69 -36.80
N THR A 225 -19.64 21.93 -38.04
CA THR A 225 -20.96 21.47 -38.52
C THR A 225 -20.77 20.76 -39.87
N ASP A 226 -21.21 21.35 -40.97
CA ASP A 226 -21.07 20.76 -42.30
C ASP A 226 -21.28 21.83 -43.39
N SER A 227 -21.12 21.44 -44.65
CA SER A 227 -21.31 22.32 -45.79
C SER A 227 -22.59 22.01 -46.60
N ASP A 228 -23.66 21.56 -45.93
CA ASP A 228 -24.94 21.30 -46.60
C ASP A 228 -25.57 22.61 -47.06
N GLU A 229 -26.07 22.62 -48.30
CA GLU A 229 -26.71 23.78 -48.92
C GLU A 229 -28.09 23.38 -49.46
N PRO A 230 -29.19 23.90 -48.91
CA PRO A 230 -29.21 24.82 -47.76
C PRO A 230 -28.77 24.15 -46.46
N PRO A 231 -28.30 24.94 -45.47
CA PRO A 231 -28.08 24.36 -44.14
C PRO A 231 -29.41 23.91 -43.53
N VAL A 232 -29.45 22.66 -43.05
CA VAL A 232 -30.66 22.08 -42.48
C VAL A 232 -30.35 21.41 -41.15
N VAL A 233 -31.13 21.75 -40.13
CA VAL A 233 -30.98 21.18 -38.79
C VAL A 233 -31.74 19.86 -38.76
N ARG A 234 -31.03 18.78 -39.08
CA ARG A 234 -31.59 17.42 -39.11
C ARG A 234 -30.58 16.42 -38.54
N TYR A 235 -31.09 15.45 -37.78
CA TYR A 235 -30.24 14.50 -37.06
C TYR A 235 -29.74 13.39 -37.98
N ASP A 236 -28.41 13.24 -38.06
CA ASP A 236 -27.76 12.25 -38.91
C ASP A 236 -26.31 12.11 -38.46
N VAL A 237 -25.99 11.00 -37.78
CA VAL A 237 -24.67 10.82 -37.16
C VAL A 237 -23.56 10.58 -38.19
N GLN A 238 -23.87 9.84 -39.26
CA GLN A 238 -22.90 9.51 -40.30
C GLN A 238 -22.51 10.72 -41.15
N ASN A 239 -23.51 11.46 -41.64
CA ASN A 239 -23.31 12.57 -42.57
C ASN A 239 -23.14 13.93 -41.86
N LYS A 240 -23.94 14.16 -40.82
CA LYS A 240 -24.01 15.47 -40.14
C LYS A 240 -23.66 15.32 -38.66
N ALA A 241 -22.40 14.95 -38.39
CA ALA A 241 -21.95 14.64 -37.02
C ALA A 241 -21.93 15.87 -36.10
N GLY A 242 -21.55 17.02 -36.64
CA GLY A 242 -21.50 18.27 -35.88
C GLY A 242 -22.88 18.77 -35.45
N VAL A 243 -23.80 18.82 -36.41
CA VAL A 243 -25.17 19.29 -36.16
C VAL A 243 -25.91 18.36 -35.20
N SER A 244 -25.68 17.05 -35.35
CA SER A 244 -26.27 16.04 -34.48
C SER A 244 -25.81 16.15 -33.01
N ASN A 245 -24.52 16.41 -32.81
CA ASN A 245 -23.96 16.60 -31.47
C ASN A 245 -24.58 17.80 -30.75
N LEU A 246 -24.77 18.91 -31.48
CA LEU A 246 -25.39 20.12 -30.93
C LEU A 246 -26.85 19.87 -30.53
N LEU A 247 -27.55 19.05 -31.32
CA LEU A 247 -28.92 18.65 -30.99
C LEU A 247 -28.97 17.76 -29.74
N ASP A 248 -28.06 16.79 -29.67
CA ASP A 248 -27.95 15.92 -28.47
C ASP A 248 -27.56 16.69 -27.21
N ILE A 249 -26.71 17.71 -27.36
CA ILE A 249 -26.36 18.59 -26.24
C ILE A 249 -27.59 19.39 -25.79
N LEU A 250 -28.29 20.00 -26.74
CA LEU A 250 -29.51 20.76 -26.44
C LEU A 250 -30.61 19.87 -25.85
N SER A 251 -30.76 18.67 -26.42
CA SER A 251 -31.75 17.68 -25.95
C SER A 251 -31.44 17.18 -24.53
N ALA A 252 -30.16 17.01 -24.23
CA ALA A 252 -29.71 16.64 -22.89
C ALA A 252 -30.02 17.72 -21.84
N VAL A 253 -29.84 18.98 -22.22
CA VAL A 253 -30.10 20.11 -21.32
C VAL A 253 -31.61 20.33 -21.11
N THR A 254 -32.32 20.66 -22.19
CA THR A 254 -33.73 21.08 -22.12
C THR A 254 -34.73 19.92 -21.93
N GLY A 255 -34.32 18.69 -22.24
CA GLY A 255 -35.20 17.53 -22.18
C GLY A 255 -36.13 17.33 -23.37
N GLN A 256 -35.98 18.16 -24.40
CA GLN A 256 -36.81 18.07 -25.61
C GLN A 256 -36.30 16.93 -26.49
N SER A 257 -37.23 16.29 -27.21
CA SER A 257 -36.87 15.18 -28.11
C SER A 257 -36.22 15.71 -29.39
N ILE A 258 -35.50 14.82 -30.08
CA ILE A 258 -34.78 15.17 -31.31
C ILE A 258 -35.75 15.56 -32.43
N PRO A 259 -36.85 14.79 -32.64
CA PRO A 259 -37.84 15.20 -33.65
C PRO A 259 -38.54 16.55 -33.38
N GLU A 260 -38.69 16.91 -32.11
CA GLU A 260 -39.26 18.21 -31.73
C GLU A 260 -38.33 19.36 -32.11
N LEU A 261 -37.03 19.18 -31.86
CA LEU A 261 -36.02 20.20 -32.19
C LEU A 261 -35.82 20.37 -33.69
N GLU A 262 -35.94 19.28 -34.46
CA GLU A 262 -35.92 19.35 -35.93
C GLU A 262 -37.06 20.22 -36.46
N LYS A 263 -38.25 20.07 -35.89
CA LYS A 263 -39.39 20.93 -36.19
C LYS A 263 -39.18 22.36 -35.67
N GLN A 264 -38.59 22.48 -34.47
CA GLN A 264 -38.26 23.79 -33.88
C GLN A 264 -37.28 24.60 -34.74
N PHE A 265 -36.32 23.93 -35.38
CA PHE A 265 -35.36 24.56 -36.29
C PHE A 265 -35.67 24.22 -37.75
N GLU A 266 -36.92 24.41 -38.16
CA GLU A 266 -37.36 24.22 -39.54
C GLU A 266 -37.05 25.48 -40.34
N GLY A 267 -36.31 25.34 -41.44
CA GLY A 267 -35.86 26.48 -42.24
C GLY A 267 -34.91 27.42 -41.54
N LYS A 268 -34.17 26.90 -40.55
CA LYS A 268 -33.30 27.69 -39.69
C LYS A 268 -31.85 27.27 -39.88
N MET A 269 -30.95 28.26 -39.88
CA MET A 269 -29.51 28.04 -40.05
C MET A 269 -28.83 27.60 -38.75
N TYR A 270 -27.57 27.18 -38.88
CA TYR A 270 -26.79 26.64 -37.75
C TYR A 270 -26.41 27.69 -36.69
N GLY A 271 -26.37 28.96 -37.09
CA GLY A 271 -26.19 30.08 -36.15
C GLY A 271 -27.29 30.17 -35.10
N HIS A 272 -28.52 29.86 -35.49
CA HIS A 272 -29.67 29.87 -34.56
C HIS A 272 -29.53 28.73 -33.54
N LEU A 273 -29.21 27.54 -34.05
CA LEU A 273 -28.96 26.35 -33.22
C LEU A 273 -27.87 26.60 -32.18
N LYS A 274 -26.71 27.08 -32.65
CA LYS A 274 -25.57 27.41 -31.79
C LYS A 274 -25.92 28.42 -30.70
N GLY A 275 -26.71 29.44 -31.06
CA GLY A 275 -27.19 30.44 -30.11
C GLY A 275 -28.04 29.85 -29.00
N GLU A 276 -28.94 28.94 -29.37
CA GLU A 276 -29.81 28.25 -28.41
C GLU A 276 -29.07 27.24 -27.54
N VAL A 277 -28.07 26.56 -28.13
CA VAL A 277 -27.23 25.60 -27.38
C VAL A 277 -26.38 26.32 -26.32
N ALA A 278 -25.80 27.45 -26.69
CA ALA A 278 -24.99 28.26 -25.76
C ALA A 278 -25.82 28.84 -24.61
N ASP A 279 -26.99 29.39 -24.94
CA ASP A 279 -27.93 29.91 -23.93
C ASP A 279 -28.39 28.82 -22.97
N ALA A 280 -28.78 27.66 -23.52
CA ALA A 280 -29.29 26.54 -22.72
C ALA A 280 -28.25 25.95 -21.78
N VAL A 281 -27.05 25.70 -22.30
CA VAL A 281 -25.94 25.15 -21.50
C VAL A 281 -25.57 26.10 -20.35
N SER A 282 -25.40 27.38 -20.67
CA SER A 282 -25.10 28.41 -19.64
C SER A 282 -26.23 28.55 -18.61
N GLY A 283 -27.48 28.38 -19.05
CA GLY A 283 -28.64 28.33 -18.15
C GLY A 283 -28.56 27.18 -17.14
N MET A 284 -28.09 26.03 -17.60
CA MET A 284 -27.83 24.88 -16.73
C MET A 284 -26.64 25.12 -15.79
N LEU A 285 -25.58 25.72 -16.33
CA LEU A 285 -24.36 26.01 -15.55
C LEU A 285 -24.47 27.21 -14.59
N THR A 286 -25.55 28.00 -14.68
CA THR A 286 -25.77 29.13 -13.77
C THR A 286 -26.12 28.66 -12.36
N GLU A 287 -27.13 27.80 -12.26
CA GLU A 287 -27.54 27.20 -10.98
C GLU A 287 -26.47 26.29 -10.40
N LEU A 288 -25.67 25.68 -11.27
CA LEU A 288 -24.58 24.79 -10.88
C LEU A 288 -23.41 25.57 -10.27
N GLN A 289 -22.96 26.60 -10.98
CA GLN A 289 -21.84 27.44 -10.53
C GLN A 289 -22.17 28.24 -9.25
N GLU A 290 -23.41 28.70 -9.14
CA GLU A 290 -23.89 29.38 -7.94
C GLU A 290 -23.75 28.49 -6.70
N ARG A 291 -24.15 27.23 -6.84
CA ARG A 291 -23.99 26.23 -5.76
C ARG A 291 -22.52 25.90 -5.48
N TYR A 292 -21.69 25.81 -6.53
CA TYR A 292 -20.26 25.51 -6.40
C TYR A 292 -19.52 26.54 -5.55
N HIS A 293 -19.58 27.80 -5.99
CA HIS A 293 -18.85 28.89 -5.34
C HIS A 293 -19.33 29.16 -3.91
N ARG A 294 -20.61 28.90 -3.64
CA ARG A 294 -21.18 29.01 -2.29
C ARG A 294 -20.66 27.90 -1.37
N PHE A 295 -20.68 26.65 -1.86
CA PHE A 295 -20.16 25.51 -1.10
C PHE A 295 -18.64 25.53 -0.96
N ARG A 296 -17.94 25.85 -2.04
CA ARG A 296 -16.46 25.84 -2.07
C ARG A 296 -15.82 26.80 -1.08
N ASN A 297 -16.44 27.95 -0.87
CA ASN A 297 -15.91 29.00 0.03
C ASN A 297 -16.51 28.97 1.45
N ASP A 298 -17.30 27.93 1.77
CA ASP A 298 -17.76 27.67 3.14
C ASP A 298 -16.86 26.58 3.73
N GLU A 299 -15.80 27.00 4.42
CA GLU A 299 -14.80 26.08 4.98
C GLU A 299 -15.39 25.14 6.04
N ALA A 300 -16.26 25.67 6.90
CA ALA A 300 -16.92 24.89 7.95
C ALA A 300 -17.83 23.79 7.40
N PHE A 301 -18.55 24.11 6.32
CA PHE A 301 -19.45 23.14 5.66
C PHE A 301 -18.69 21.97 5.04
N LEU A 302 -17.62 22.28 4.30
CA LEU A 302 -16.79 21.25 3.66
C LEU A 302 -16.09 20.36 4.70
N GLN A 303 -15.60 20.98 5.77
CA GLN A 303 -14.97 20.25 6.89
C GLN A 303 -15.95 19.31 7.60
N GLN A 304 -17.21 19.72 7.71
CA GLN A 304 -18.25 18.89 8.34
C GLN A 304 -18.68 17.72 7.47
N VAL A 305 -18.77 17.95 6.15
CA VAL A 305 -19.08 16.88 5.19
C VAL A 305 -17.95 15.83 5.15
N MET A 306 -16.71 16.30 5.15
CA MET A 306 -15.53 15.40 5.17
C MET A 306 -15.43 14.58 6.46
N LYS A 307 -15.84 15.16 7.59
CA LYS A 307 -15.81 14.47 8.89
C LYS A 307 -16.91 13.41 9.00
N ASP A 308 -18.14 13.79 8.65
CA ASP A 308 -19.29 12.87 8.67
C ASP A 308 -19.10 11.69 7.72
N GLY A 309 -18.66 11.99 6.50
CA GLY A 309 -18.44 10.96 5.47
C GLY A 309 -17.33 9.98 5.81
N ALA A 310 -16.24 10.51 6.38
CA ALA A 310 -15.15 9.67 6.88
C ALA A 310 -15.61 8.78 8.04
N GLU A 311 -16.48 9.33 8.90
CA GLU A 311 -17.04 8.60 10.04
C GLU A 311 -17.97 7.46 9.58
N LYS A 312 -18.83 7.75 8.59
CA LYS A 312 -19.69 6.73 7.96
C LYS A 312 -18.88 5.64 7.27
N ALA A 313 -17.89 6.07 6.48
CA ALA A 313 -17.02 5.15 5.73
C ALA A 313 -16.21 4.26 6.66
N SER A 314 -15.55 4.86 7.65
CA SER A 314 -14.69 4.12 8.59
C SER A 314 -15.44 3.03 9.38
N ALA A 315 -16.73 3.24 9.65
CA ALA A 315 -17.58 2.24 10.30
C ALA A 315 -17.75 0.99 9.43
N HIS A 316 -18.06 1.19 8.15
CA HIS A 316 -18.10 0.11 7.16
C HIS A 316 -16.73 -0.55 6.96
N ALA A 317 -15.72 0.29 6.73
CA ALA A 317 -14.36 -0.18 6.42
C ALA A 317 -13.71 -0.98 7.56
N SER A 318 -13.86 -0.49 8.78
CA SER A 318 -13.31 -1.18 9.97
C SER A 318 -13.89 -2.58 10.17
N ARG A 319 -15.19 -2.75 9.91
CA ARG A 319 -15.85 -4.05 10.04
C ARG A 319 -15.33 -5.09 9.03
N THR A 320 -15.11 -4.66 7.79
CA THR A 320 -14.57 -5.53 6.74
C THR A 320 -13.10 -5.90 7.02
N LEU A 321 -12.29 -4.89 7.34
CA LEU A 321 -10.86 -5.11 7.64
C LEU A 321 -10.64 -6.04 8.84
N LYS A 322 -11.50 -5.92 9.85
CA LYS A 322 -11.45 -6.79 11.02
C LYS A 322 -11.71 -8.26 10.64
N ALA A 323 -12.68 -8.48 9.75
CA ALA A 323 -12.96 -9.82 9.23
C ALA A 323 -11.82 -10.35 8.36
N VAL A 324 -11.21 -9.47 7.57
CA VAL A 324 -10.04 -9.80 6.75
C VAL A 324 -8.85 -10.19 7.63
N TYR A 325 -8.55 -9.34 8.62
CA TYR A 325 -7.44 -9.56 9.56
C TYR A 325 -7.63 -10.80 10.44
N GLU A 326 -8.88 -11.08 10.83
CA GLU A 326 -9.22 -12.29 11.58
C GLU A 326 -9.02 -13.55 10.72
N ALA A 327 -9.33 -13.45 9.44
CA ALA A 327 -9.18 -14.57 8.48
C ALA A 327 -7.71 -14.86 8.13
N ILE A 328 -6.93 -13.80 7.93
CA ILE A 328 -5.49 -13.94 7.65
C ILE A 328 -4.74 -14.53 8.85
N GLY A 329 -5.21 -14.21 10.06
CA GLY A 329 -4.64 -14.72 11.30
C GLY A 329 -3.82 -13.74 12.12
N PHE A 330 -3.91 -12.45 11.83
CA PHE A 330 -3.21 -11.44 12.62
C PHE A 330 -3.76 -11.39 14.04
N VAL A 331 -2.87 -11.11 15.00
CA VAL A 331 -3.28 -10.89 16.39
C VAL A 331 -4.05 -9.58 16.41
N ALA A 332 -5.25 -9.58 17.00
CA ALA A 332 -6.11 -8.41 17.01
C ALA A 332 -5.52 -7.29 17.87
N LYS A 333 -5.80 -6.05 17.49
CA LYS A 333 -5.29 -4.87 18.20
C LYS A 333 -5.90 -4.78 19.60
N ARG A 334 -5.11 -4.29 20.56
CA ARG A 334 -5.55 -4.17 21.96
C ARG A 334 -6.14 -2.79 22.21
N THR B 2 16.35 14.45 23.62
CA THR B 2 15.95 13.02 23.41
C THR B 2 17.05 12.23 22.70
N LYS B 3 17.08 10.92 22.96
CA LYS B 3 18.11 10.04 22.41
C LYS B 3 17.89 9.81 20.91
N PRO B 4 18.94 9.36 20.19
CA PRO B 4 18.71 8.89 18.81
C PRO B 4 17.85 7.62 18.79
N ILE B 5 17.11 7.41 17.71
CA ILE B 5 16.12 6.34 17.65
C ILE B 5 16.65 5.11 16.92
N VAL B 6 16.40 3.93 17.49
CA VAL B 6 16.72 2.65 16.87
C VAL B 6 15.41 1.96 16.49
N PHE B 7 15.34 1.46 15.26
CA PHE B 7 14.21 0.64 14.81
C PHE B 7 14.68 -0.63 14.10
N SER B 8 14.03 -1.75 14.40
CA SER B 8 14.24 -2.99 13.66
C SER B 8 13.04 -3.92 13.83
N GLY B 9 12.99 -4.98 13.02
CA GLY B 9 11.87 -5.92 13.05
C GLY B 9 12.25 -7.33 12.60
N ALA B 10 11.36 -8.27 12.89
CA ALA B 10 11.52 -9.67 12.47
C ALA B 10 10.16 -10.28 12.16
N GLN B 11 10.13 -11.19 11.19
CA GLN B 11 8.88 -11.80 10.71
C GLN B 11 8.42 -12.90 11.67
N PRO B 12 7.10 -12.93 11.99
CA PRO B 12 6.54 -14.09 12.69
C PRO B 12 6.18 -15.21 11.69
N SER B 13 7.21 -15.80 11.10
CA SER B 13 7.05 -16.86 10.09
C SER B 13 8.28 -17.77 10.14
N GLY B 14 8.04 -19.08 10.14
CA GLY B 14 9.10 -20.05 10.40
C GLY B 14 9.51 -20.02 11.86
N GLU B 15 10.65 -20.63 12.15
CA GLU B 15 11.20 -20.70 13.50
C GLU B 15 12.52 -19.94 13.53
N LEU B 16 12.57 -18.83 14.25
CA LEU B 16 13.76 -17.97 14.31
C LEU B 16 14.99 -18.76 14.77
N THR B 17 16.11 -18.53 14.08
CA THR B 17 17.34 -19.31 14.24
C THR B 17 18.38 -18.54 15.05
N ILE B 18 19.51 -19.20 15.29
CA ILE B 18 20.69 -18.54 15.87
C ILE B 18 21.26 -17.48 14.91
N GLY B 19 21.00 -17.65 13.61
CA GLY B 19 21.29 -16.62 12.61
C GLY B 19 20.53 -15.33 12.86
N ASN B 20 19.22 -15.44 13.05
CA ASN B 20 18.35 -14.30 13.36
C ASN B 20 18.76 -13.61 14.67
N TYR B 21 19.23 -14.40 15.64
CA TYR B 21 19.69 -13.87 16.93
C TYR B 21 20.95 -13.02 16.79
N MET B 22 21.98 -13.59 16.20
CA MET B 22 23.31 -12.96 16.17
C MET B 22 23.42 -11.82 15.14
N GLY B 23 22.64 -11.90 14.07
CA GLY B 23 22.56 -10.83 13.08
C GLY B 23 21.76 -9.61 13.49
N ALA B 24 20.75 -9.81 14.33
CA ALA B 24 19.83 -8.74 14.76
C ALA B 24 19.62 -8.70 16.28
N LEU B 25 18.96 -9.73 16.82
CA LEU B 25 18.43 -9.70 18.20
C LEU B 25 19.47 -9.49 19.30
N ARG B 26 20.69 -9.97 19.11
CA ARG B 26 21.80 -9.71 20.05
C ARG B 26 22.09 -8.21 20.16
N GLN B 27 22.09 -7.53 19.02
CA GLN B 27 22.37 -6.09 18.98
C GLN B 27 21.20 -5.28 19.55
N TRP B 28 19.98 -5.79 19.35
CA TRP B 28 18.77 -5.15 19.88
C TRP B 28 18.83 -4.97 21.40
N VAL B 29 19.30 -6.01 22.09
CA VAL B 29 19.33 -6.05 23.57
C VAL B 29 20.42 -5.11 24.12
N ASN B 30 21.57 -5.05 23.45
CA ASN B 30 22.69 -4.19 23.90
C ASN B 30 22.49 -2.70 23.63
N MET B 31 21.59 -2.35 22.71
CA MET B 31 21.34 -0.93 22.34
C MET B 31 20.25 -0.23 23.18
N GLN B 32 19.63 -0.95 24.12
CA GLN B 32 18.42 -0.47 24.81
C GLN B 32 18.59 0.74 25.72
N ASP B 33 19.71 0.80 26.44
CA ASP B 33 20.01 1.96 27.29
C ASP B 33 20.64 3.09 26.49
N ASP B 34 21.57 2.75 25.59
CA ASP B 34 22.32 3.74 24.81
C ASP B 34 21.46 4.54 23.81
N TYR B 35 20.39 3.92 23.30
CA TYR B 35 19.49 4.57 22.36
C TYR B 35 18.03 4.29 22.71
N HIS B 36 17.12 5.14 22.21
CA HIS B 36 15.68 4.89 22.32
C HIS B 36 15.28 3.85 21.28
N CYS B 37 14.99 2.63 21.71
CA CYS B 37 14.79 1.50 20.80
C CYS B 37 13.33 1.11 20.60
N ILE B 38 13.00 0.78 19.35
CA ILE B 38 11.65 0.39 18.95
C ILE B 38 11.77 -0.91 18.13
N TYR B 39 11.18 -2.00 18.62
CA TYR B 39 11.26 -3.31 17.94
C TYR B 39 9.87 -3.83 17.57
N CYS B 40 9.77 -4.42 16.38
CA CYS B 40 8.48 -4.72 15.75
C CYS B 40 8.37 -6.18 15.34
N ILE B 41 7.19 -6.77 15.56
CA ILE B 41 6.86 -8.07 14.98
C ILE B 41 6.15 -7.76 13.67
N VAL B 42 6.85 -7.99 12.55
CA VAL B 42 6.36 -7.56 11.22
C VAL B 42 5.47 -8.62 10.55
N ASP B 43 4.25 -8.75 11.08
CA ASP B 43 3.26 -9.71 10.58
C ASP B 43 2.75 -9.38 9.17
N GLN B 44 2.64 -8.09 8.86
CA GLN B 44 2.29 -7.65 7.49
C GLN B 44 3.33 -8.06 6.44
N HIS B 45 4.62 -8.04 6.81
CA HIS B 45 5.69 -8.56 5.94
C HIS B 45 5.65 -10.09 5.82
N ALA B 46 5.36 -10.77 6.93
CA ALA B 46 5.35 -12.25 6.99
C ALA B 46 4.38 -12.89 5.99
N ILE B 47 3.22 -12.26 5.78
CA ILE B 47 2.19 -12.79 4.87
C ILE B 47 2.51 -12.67 3.37
N THR B 48 3.65 -12.07 3.00
CA THR B 48 4.15 -12.10 1.63
C THR B 48 4.49 -13.54 1.19
N VAL B 49 4.88 -14.38 2.15
CA VAL B 49 4.90 -15.82 1.99
C VAL B 49 3.64 -16.34 2.65
N ARG B 50 2.91 -17.23 1.96
CA ARG B 50 1.58 -17.67 2.39
C ARG B 50 1.64 -18.48 3.69
N GLN B 51 0.84 -18.07 4.68
CA GLN B 51 0.81 -18.68 6.01
C GLN B 51 -0.53 -19.31 6.34
N ASP B 52 -0.49 -20.37 7.13
CA ASP B 52 -1.68 -20.90 7.81
C ASP B 52 -2.11 -19.87 8.86
N ALA B 53 -3.41 -19.60 8.93
CA ALA B 53 -3.95 -18.54 9.81
C ALA B 53 -3.65 -18.77 11.29
N GLN B 54 -3.85 -20.01 11.75
CA GLN B 54 -3.53 -20.40 13.13
C GLN B 54 -2.02 -20.35 13.40
N LYS B 55 -1.22 -20.79 12.44
CA LYS B 55 0.24 -20.78 12.57
C LYS B 55 0.83 -19.36 12.63
N LEU B 56 0.25 -18.43 11.87
CA LEU B 56 0.66 -17.02 11.89
C LEU B 56 0.39 -16.37 13.26
N ARG B 57 -0.83 -16.56 13.78
CA ARG B 57 -1.23 -16.01 15.07
C ARG B 57 -0.34 -16.51 16.19
N LYS B 58 -0.07 -17.82 16.19
CA LYS B 58 0.82 -18.45 17.16
C LYS B 58 2.26 -17.95 17.01
N ALA B 59 2.72 -17.82 15.77
CA ALA B 59 4.09 -17.33 15.48
C ALA B 59 4.31 -15.89 15.95
N THR B 60 3.28 -15.05 15.85
CA THR B 60 3.34 -13.66 16.34
C THR B 60 3.59 -13.63 17.84
N LEU B 61 2.84 -14.45 18.58
CA LEU B 61 2.99 -14.54 20.03
C LEU B 61 4.27 -15.28 20.44
N ASP B 62 4.69 -16.27 19.64
CA ASP B 62 6.01 -16.90 19.80
C ASP B 62 7.14 -15.87 19.68
N THR B 63 7.08 -15.07 18.62
CA THR B 63 8.11 -14.06 18.35
C THR B 63 8.19 -13.00 19.45
N LEU B 64 7.02 -12.56 19.94
CA LEU B 64 6.96 -11.58 21.04
C LEU B 64 7.58 -12.12 22.34
N ALA B 65 7.24 -13.37 22.68
CA ALA B 65 7.81 -14.04 23.85
C ALA B 65 9.32 -14.27 23.72
N LEU B 66 9.76 -14.54 22.48
CA LEU B 66 11.17 -14.75 22.20
C LEU B 66 12.01 -13.46 22.30
N TYR B 67 11.43 -12.33 21.89
CA TYR B 67 12.03 -11.01 22.12
C TYR B 67 12.27 -10.78 23.62
N LEU B 68 11.25 -11.04 24.42
CA LEU B 68 11.31 -10.89 25.87
C LEU B 68 12.33 -11.84 26.51
N ALA B 69 12.43 -13.05 25.99
CA ALA B 69 13.40 -14.05 26.46
C ALA B 69 14.85 -13.65 26.19
N CYS B 70 15.09 -12.97 25.07
CA CYS B 70 16.44 -12.45 24.73
C CYS B 70 16.91 -11.33 25.65
N GLY B 71 15.97 -10.65 26.32
CA GLY B 71 16.28 -9.50 27.18
C GLY B 71 15.70 -8.18 26.73
N ILE B 72 14.79 -8.19 25.75
CA ILE B 72 14.15 -6.96 25.28
C ILE B 72 13.15 -6.51 26.35
N ASP B 73 13.57 -5.55 27.16
CA ASP B 73 12.75 -5.00 28.26
C ASP B 73 11.63 -4.10 27.72
N PRO B 74 10.35 -4.38 28.07
CA PRO B 74 9.25 -3.49 27.65
C PRO B 74 9.23 -2.11 28.33
N GLU B 75 9.87 -1.98 29.48
CA GLU B 75 10.01 -0.66 30.15
C GLU B 75 11.13 0.22 29.55
N LYS B 76 12.04 -0.38 28.79
CA LYS B 76 13.11 0.35 28.10
C LYS B 76 12.79 0.59 26.62
N SER B 77 12.39 -0.48 25.93
CA SER B 77 12.09 -0.45 24.50
C SER B 77 10.59 -0.51 24.20
N THR B 78 10.21 0.00 23.03
CA THR B 78 8.85 -0.15 22.51
C THR B 78 8.79 -1.48 21.74
N ILE B 79 7.83 -2.32 22.11
CA ILE B 79 7.65 -3.65 21.49
C ILE B 79 6.22 -3.71 20.96
N PHE B 80 6.05 -3.82 19.64
CA PHE B 80 4.70 -3.82 19.04
C PHE B 80 4.56 -4.72 17.81
N VAL B 81 3.30 -4.97 17.45
CA VAL B 81 2.95 -5.74 16.25
C VAL B 81 2.62 -4.75 15.14
N GLN B 82 3.21 -4.98 13.97
CA GLN B 82 3.14 -4.05 12.82
C GLN B 82 1.71 -3.69 12.40
N SER B 83 0.83 -4.70 12.34
CA SER B 83 -0.55 -4.51 11.89
C SER B 83 -1.44 -3.69 12.86
N HIS B 84 -1.02 -3.58 14.12
CA HIS B 84 -1.74 -2.77 15.12
C HIS B 84 -1.56 -1.25 14.94
N VAL B 85 -0.59 -0.83 14.12
CA VAL B 85 -0.36 0.58 13.81
C VAL B 85 -0.65 0.80 12.30
N PRO B 86 -1.84 1.38 11.97
CA PRO B 86 -2.24 1.65 10.57
C PRO B 86 -1.28 2.50 9.73
N GLU B 87 -0.49 3.35 10.38
CA GLU B 87 0.42 4.29 9.70
C GLU B 87 1.52 3.61 8.86
N HIS B 88 1.85 2.36 9.18
CA HIS B 88 2.84 1.58 8.40
C HIS B 88 2.36 1.34 6.97
N ALA B 89 1.10 0.94 6.83
CA ALA B 89 0.46 0.76 5.51
C ALA B 89 0.17 2.10 4.82
N GLN B 90 -0.25 3.09 5.61
CA GLN B 90 -0.55 4.43 5.08
C GLN B 90 0.67 5.10 4.46
N LEU B 91 1.79 5.12 5.20
CA LEU B 91 3.04 5.67 4.69
C LEU B 91 3.61 4.81 3.56
N GLY B 92 3.47 3.48 3.70
CA GLY B 92 3.93 2.53 2.69
C GLY B 92 3.40 2.80 1.29
N TRP B 93 2.10 3.08 1.18
CA TRP B 93 1.51 3.45 -0.10
C TRP B 93 2.10 4.76 -0.65
N ALA B 94 2.23 5.76 0.20
CA ALA B 94 2.81 7.04 -0.21
C ALA B 94 4.23 6.87 -0.76
N LEU B 95 5.04 6.05 -0.09
CA LEU B 95 6.41 5.78 -0.53
C LEU B 95 6.54 4.92 -1.78
N ASN B 96 5.48 4.19 -2.16
CA ASN B 96 5.41 3.55 -3.50
C ASN B 96 5.54 4.58 -4.62
N CYS B 97 4.90 5.73 -4.45
CA CYS B 97 4.92 6.80 -5.44
C CYS B 97 6.28 7.51 -5.58
N TYR B 98 7.19 7.28 -4.62
CA TYR B 98 8.58 7.77 -4.70
C TYR B 98 9.61 6.63 -4.73
N THR B 99 9.18 5.42 -5.11
CA THR B 99 10.06 4.26 -5.30
C THR B 99 9.91 3.79 -6.74
N TYR B 100 11.02 3.58 -7.43
CA TYR B 100 11.00 3.15 -8.83
C TYR B 100 10.81 1.65 -8.98
N PHE B 101 10.31 1.25 -10.16
CA PHE B 101 10.05 -0.16 -10.47
C PHE B 101 11.34 -0.95 -10.57
N GLY B 102 12.31 -0.39 -11.31
CA GLY B 102 13.63 -1.00 -11.48
C GLY B 102 14.37 -1.31 -10.19
N GLU B 103 14.27 -0.40 -9.21
CA GLU B 103 14.85 -0.59 -7.88
C GLU B 103 14.32 -1.87 -7.21
N LEU B 104 13.00 -2.07 -7.29
CA LEU B 104 12.34 -3.22 -6.66
C LEU B 104 12.59 -4.54 -7.37
N SER B 105 12.61 -4.52 -8.71
CA SER B 105 12.85 -5.73 -9.51
C SER B 105 14.27 -6.28 -9.37
N ARG B 106 15.24 -5.38 -9.17
CA ARG B 106 16.66 -5.78 -8.99
C ARG B 106 17.01 -6.31 -7.58
N MET B 107 16.05 -6.31 -6.64
CA MET B 107 16.29 -6.81 -5.28
C MET B 107 16.58 -8.31 -5.24
N THR B 108 17.58 -8.69 -4.45
CA THR B 108 18.00 -10.09 -4.31
C THR B 108 16.96 -10.94 -3.57
N GLN B 109 16.38 -10.37 -2.51
CA GLN B 109 15.36 -11.05 -1.71
C GLN B 109 14.11 -11.43 -2.52
N PHE B 110 13.67 -10.54 -3.41
CA PHE B 110 12.55 -10.84 -4.31
C PHE B 110 12.89 -11.95 -5.31
N LYS B 111 14.08 -11.90 -5.89
CA LYS B 111 14.52 -12.91 -6.87
C LYS B 111 14.64 -14.32 -6.28
N ASP B 112 15.27 -14.41 -5.11
CA ASP B 112 15.44 -15.70 -4.42
C ASP B 112 14.12 -16.26 -3.88
N LYS B 113 13.27 -15.38 -3.33
CA LYS B 113 11.94 -15.78 -2.85
C LYS B 113 10.96 -16.12 -3.97
N SER B 114 11.12 -15.48 -5.13
CA SER B 114 10.32 -15.81 -6.33
C SER B 114 10.62 -17.23 -6.83
N ALA B 115 11.90 -17.53 -6.99
CA ALA B 115 12.36 -18.85 -7.41
C ALA B 115 11.96 -19.95 -6.42
N ARG B 116 11.96 -19.62 -5.13
CA ARG B 116 11.60 -20.57 -4.08
C ARG B 116 10.09 -20.83 -4.01
N TYR B 117 9.29 -19.76 -4.13
CA TYR B 117 7.83 -19.87 -4.14
C TYR B 117 7.29 -19.45 -5.51
N ALA B 118 7.47 -20.34 -6.48
CA ALA B 118 7.08 -20.08 -7.88
C ALA B 118 5.57 -19.96 -8.08
N GLU B 119 4.80 -20.69 -7.25
CA GLU B 119 3.33 -20.66 -7.31
C GLU B 119 2.69 -19.43 -6.63
N ASN B 120 3.48 -18.59 -5.97
CA ASN B 120 2.97 -17.39 -5.29
C ASN B 120 3.97 -16.24 -5.37
N ILE B 121 4.29 -15.82 -6.59
CA ILE B 121 5.06 -14.60 -6.83
C ILE B 121 4.04 -13.44 -6.77
N ASN B 122 3.74 -13.03 -5.54
CA ASN B 122 2.69 -12.02 -5.30
C ASN B 122 3.26 -10.60 -5.26
N ALA B 123 2.36 -9.62 -5.36
CA ALA B 123 2.73 -8.20 -5.40
C ALA B 123 3.31 -7.70 -4.07
N GLY B 124 2.91 -8.32 -2.96
CA GLY B 124 3.47 -8.00 -1.65
C GLY B 124 4.94 -8.35 -1.54
N LEU B 125 5.31 -9.51 -2.11
CA LEU B 125 6.71 -9.96 -2.14
C LEU B 125 7.58 -9.02 -2.97
N PHE B 126 7.04 -8.57 -4.11
CA PHE B 126 7.68 -7.55 -4.95
C PHE B 126 7.79 -6.21 -4.23
N ASP B 127 6.70 -5.82 -3.56
CA ASP B 127 6.62 -4.52 -2.88
C ASP B 127 7.12 -4.54 -1.42
N TYR B 128 7.74 -5.67 -1.01
CA TYR B 128 8.35 -5.82 0.32
C TYR B 128 9.21 -4.62 0.79
N PRO B 129 10.19 -4.17 -0.02
CA PRO B 129 11.10 -3.12 0.47
C PRO B 129 10.45 -1.76 0.81
N VAL B 130 9.33 -1.43 0.17
CA VAL B 130 8.70 -0.12 0.37
C VAL B 130 8.00 -0.03 1.72
N LEU B 131 7.32 -1.11 2.13
CA LEU B 131 6.75 -1.20 3.47
C LEU B 131 7.84 -1.21 4.56
N MET B 132 8.98 -1.85 4.27
CA MET B 132 10.14 -1.83 5.17
C MET B 132 10.71 -0.41 5.33
N ALA B 133 10.73 0.36 4.24
CA ALA B 133 11.13 1.77 4.29
C ALA B 133 10.17 2.60 5.14
N ALA B 134 8.87 2.33 5.03
CA ALA B 134 7.85 2.97 5.86
C ALA B 134 8.02 2.60 7.34
N ASP B 135 8.32 1.34 7.63
CA ASP B 135 8.56 0.88 9.01
C ASP B 135 9.68 1.68 9.69
N ILE B 136 10.75 1.93 8.94
CA ILE B 136 11.92 2.65 9.45
C ILE B 136 11.62 4.16 9.54
N LEU B 137 11.14 4.72 8.43
CA LEU B 137 10.96 6.18 8.32
C LEU B 137 9.88 6.78 9.25
N LEU B 138 8.90 5.97 9.66
CA LEU B 138 7.82 6.43 10.57
C LEU B 138 8.30 6.98 11.92
N TYR B 139 9.38 6.40 12.44
CA TYR B 139 9.83 6.69 13.80
C TYR B 139 11.08 7.56 13.86
N GLN B 140 11.36 8.32 12.79
CA GLN B 140 12.53 9.19 12.71
C GLN B 140 13.79 8.43 13.10
N THR B 141 13.96 7.26 12.49
CA THR B 141 14.99 6.30 12.88
C THR B 141 16.37 6.73 12.41
N ASN B 142 17.34 6.60 13.32
CA ASN B 142 18.74 6.91 13.04
C ASN B 142 19.57 5.65 12.75
N LEU B 143 19.37 4.61 13.56
CA LEU B 143 20.09 3.33 13.41
C LEU B 143 19.13 2.16 13.20
N VAL B 144 19.53 1.22 12.34
CA VAL B 144 18.71 0.05 12.01
C VAL B 144 19.57 -1.22 12.12
N PRO B 145 19.50 -1.91 13.27
CA PRO B 145 20.28 -3.14 13.45
C PRO B 145 19.69 -4.33 12.70
N VAL B 146 20.41 -4.78 11.67
CA VAL B 146 19.99 -5.89 10.81
C VAL B 146 21.17 -6.77 10.40
N GLY B 147 20.86 -7.93 9.83
CA GLY B 147 21.88 -8.82 9.27
C GLY B 147 22.35 -8.36 7.90
N GLU B 148 23.37 -9.04 7.38
CA GLU B 148 23.95 -8.75 6.07
C GLU B 148 22.93 -8.82 4.92
N ASP B 149 21.99 -9.76 5.00
CA ASP B 149 20.98 -9.96 3.95
C ASP B 149 20.03 -8.76 3.71
N GLN B 150 19.90 -7.87 4.70
CA GLN B 150 19.02 -6.69 4.59
C GLN B 150 19.77 -5.39 4.22
N LYS B 151 21.04 -5.48 3.82
CA LYS B 151 21.81 -4.31 3.43
C LYS B 151 21.19 -3.58 2.24
N GLN B 152 20.76 -4.35 1.23
CA GLN B 152 20.17 -3.79 0.01
C GLN B 152 18.84 -3.07 0.27
N HIS B 153 17.96 -3.69 1.04
CA HIS B 153 16.67 -3.07 1.45
C HIS B 153 16.84 -1.78 2.23
N LEU B 154 17.88 -1.75 3.07
CA LEU B 154 18.21 -0.59 3.88
C LEU B 154 18.75 0.58 3.06
N GLU B 155 19.56 0.27 2.04
CA GLU B 155 20.06 1.29 1.10
C GLU B 155 18.91 1.99 0.34
N LEU B 156 17.86 1.24 0.01
CA LEU B 156 16.67 1.81 -0.64
C LEU B 156 15.97 2.80 0.30
N SER B 157 15.78 2.41 1.56
CA SER B 157 15.19 3.28 2.59
C SER B 157 15.91 4.62 2.72
N ARG B 158 17.24 4.58 2.60
CA ARG B 158 18.07 5.79 2.58
C ARG B 158 17.80 6.62 1.32
N ASP B 159 17.78 5.95 0.17
CA ASP B 159 17.50 6.60 -1.11
C ASP B 159 16.10 7.23 -1.16
N ILE B 160 15.10 6.51 -0.64
CA ILE B 160 13.73 7.03 -0.56
C ILE B 160 13.64 8.24 0.36
N ALA B 161 14.27 8.15 1.54
CA ALA B 161 14.31 9.24 2.51
C ALA B 161 14.98 10.50 1.94
N GLN B 162 16.10 10.31 1.23
CA GLN B 162 16.81 11.41 0.57
C GLN B 162 16.03 12.00 -0.60
N ARG B 163 15.37 11.13 -1.37
CA ARG B 163 14.54 11.54 -2.51
C ARG B 163 13.32 12.35 -2.08
N PHE B 164 12.68 11.92 -0.98
CA PHE B 164 11.53 12.62 -0.42
C PHE B 164 11.93 13.94 0.24
N ASN B 165 13.03 13.93 0.98
CA ASN B 165 13.53 15.14 1.64
C ASN B 165 14.01 16.22 0.65
N ALA B 166 14.53 15.80 -0.50
CA ALA B 166 14.95 16.72 -1.56
C ALA B 166 13.80 17.56 -2.14
N LEU B 167 12.60 16.98 -2.18
CA LEU B 167 11.41 17.68 -2.68
C LEU B 167 10.64 18.47 -1.61
N TYR B 168 10.58 17.93 -0.39
CA TYR B 168 9.66 18.44 0.65
C TYR B 168 10.30 18.99 1.93
N GLY B 169 11.61 18.83 2.13
CA GLY B 169 12.31 19.29 3.33
C GLY B 169 12.61 18.18 4.31
N GLU B 170 13.10 18.53 5.49
CA GLU B 170 13.58 17.54 6.47
C GLU B 170 12.42 16.86 7.23
N ILE B 171 11.71 15.97 6.52
CA ILE B 171 10.57 15.24 7.06
C ILE B 171 11.03 13.92 7.68
N PHE B 172 11.90 13.20 6.95
CA PHE B 172 12.49 11.95 7.44
C PHE B 172 13.94 12.16 7.90
N LYS B 173 14.38 11.29 8.80
CA LYS B 173 15.80 11.11 9.10
C LYS B 173 16.35 10.07 8.15
N VAL B 174 17.59 10.26 7.70
CA VAL B 174 18.25 9.27 6.84
C VAL B 174 18.86 8.20 7.76
N PRO B 175 18.34 6.96 7.70
CA PRO B 175 18.83 5.91 8.60
C PRO B 175 20.21 5.37 8.21
N GLU B 176 20.90 4.78 9.18
CA GLU B 176 22.21 4.15 8.94
C GLU B 176 22.19 2.68 9.39
N PRO B 177 22.93 1.81 8.67
CA PRO B 177 23.02 0.40 9.07
C PRO B 177 23.86 0.18 10.32
N PHE B 178 23.43 -0.77 11.15
CA PHE B 178 24.22 -1.29 12.26
C PHE B 178 24.32 -2.80 12.13
N ILE B 179 25.21 -3.25 11.26
CA ILE B 179 25.49 -4.67 11.01
C ILE B 179 26.73 -5.04 11.84
N PRO B 180 26.69 -6.15 12.60
CA PRO B 180 27.81 -6.51 13.47
C PRO B 180 29.03 -7.07 12.72
N LYS B 181 30.16 -7.15 13.42
CA LYS B 181 31.40 -7.70 12.86
C LYS B 181 31.31 -9.22 12.73
N SER B 182 30.93 -9.88 13.83
CA SER B 182 30.67 -11.32 13.85
C SER B 182 29.16 -11.60 13.78
N GLY B 183 28.80 -12.71 13.14
CA GLY B 183 27.42 -13.20 13.12
C GLY B 183 26.44 -12.41 12.28
N ALA B 184 26.96 -11.64 11.32
CA ALA B 184 26.13 -10.87 10.39
C ALA B 184 25.49 -11.76 9.33
N ARG B 185 26.18 -12.85 8.95
CA ARG B 185 25.68 -13.81 7.97
C ARG B 185 26.01 -15.25 8.38
N VAL B 186 25.13 -15.85 9.18
CA VAL B 186 25.33 -17.18 9.74
C VAL B 186 24.86 -18.20 8.70
N MET B 187 25.73 -19.16 8.39
CA MET B 187 25.51 -20.08 7.27
C MET B 187 24.93 -21.42 7.69
N SER B 188 24.41 -22.15 6.70
CA SER B 188 23.79 -23.45 6.93
C SER B 188 24.82 -24.53 7.26
N LEU B 189 24.46 -25.45 8.14
CA LEU B 189 25.40 -26.44 8.68
C LEU B 189 25.85 -27.48 7.65
N LEU B 190 24.92 -27.98 6.84
CA LEU B 190 25.24 -28.93 5.77
C LEU B 190 25.53 -28.28 4.41
N GLU B 191 25.28 -26.97 4.28
CA GLU B 191 25.61 -26.20 3.07
C GLU B 191 26.19 -24.82 3.44
N PRO B 192 27.49 -24.78 3.84
CA PRO B 192 28.15 -23.54 4.30
C PRO B 192 28.09 -22.32 3.36
N THR B 193 27.88 -22.53 2.07
CA THR B 193 27.77 -21.42 1.11
C THR B 193 26.39 -20.73 1.09
N LYS B 194 25.36 -21.42 1.57
CA LYS B 194 24.00 -20.83 1.68
C LYS B 194 23.73 -20.37 3.10
N LYS B 195 23.09 -19.21 3.27
CA LYS B 195 22.83 -18.65 4.60
C LYS B 195 21.77 -19.48 5.35
N MET B 196 21.84 -19.44 6.68
CA MET B 196 20.91 -20.17 7.52
C MET B 196 19.51 -19.56 7.41
N SER B 197 18.54 -20.40 7.03
CA SER B 197 17.16 -19.99 6.84
C SER B 197 16.31 -20.37 8.05
N LYS B 198 15.31 -19.54 8.35
CA LYS B 198 14.33 -19.83 9.41
C LYS B 198 13.16 -20.70 8.94
N SER B 199 13.15 -21.09 7.66
CA SER B 199 12.16 -22.02 7.13
C SER B 199 12.81 -23.01 6.14
N ASP B 200 13.98 -23.53 6.48
CA ASP B 200 14.72 -24.45 5.60
C ASP B 200 13.95 -25.78 5.52
N ASP B 201 13.84 -26.33 4.32
CA ASP B 201 13.18 -27.62 4.09
C ASP B 201 13.92 -28.74 4.81
N ASN B 202 15.25 -28.73 4.71
CA ASN B 202 16.13 -29.60 5.47
C ASN B 202 16.37 -28.97 6.85
N ARG B 203 15.80 -29.56 7.89
CA ARG B 203 15.94 -29.07 9.26
C ARG B 203 17.38 -29.11 9.79
N ASN B 204 18.19 -30.03 9.26
CA ASN B 204 19.59 -30.22 9.70
C ASN B 204 20.54 -29.05 9.40
N ASN B 205 20.15 -28.18 8.46
CA ASN B 205 20.85 -26.91 8.22
C ASN B 205 20.77 -25.92 9.39
N VAL B 206 19.71 -26.00 10.18
CA VAL B 206 19.29 -24.93 11.09
C VAL B 206 19.64 -25.22 12.56
N ILE B 207 19.94 -24.15 13.30
CA ILE B 207 19.92 -24.15 14.78
C ILE B 207 18.79 -23.22 15.22
N GLY B 208 17.63 -23.79 15.54
CA GLY B 208 16.49 -23.02 16.02
C GLY B 208 16.67 -22.59 17.47
N LEU B 209 16.16 -21.40 17.81
CA LEU B 209 16.27 -20.85 19.17
C LEU B 209 15.36 -21.57 20.17
N LEU B 210 14.20 -22.03 19.71
CA LEU B 210 13.26 -22.81 20.52
C LEU B 210 13.45 -24.34 20.34
N GLU B 211 14.58 -24.73 19.75
CA GLU B 211 14.84 -26.12 19.39
C GLU B 211 15.52 -26.86 20.55
N ASP B 212 15.26 -28.17 20.63
CA ASP B 212 15.80 -29.02 21.70
C ASP B 212 17.34 -28.98 21.72
N PRO B 213 17.95 -28.57 22.86
CA PRO B 213 19.41 -28.52 23.00
C PRO B 213 20.15 -29.79 22.57
N LYS B 214 19.66 -30.96 22.99
CA LYS B 214 20.27 -32.25 22.62
C LYS B 214 20.28 -32.49 21.11
N SER B 215 19.19 -32.11 20.43
CA SER B 215 19.10 -32.17 18.97
C SER B 215 20.07 -31.20 18.28
N VAL B 216 20.25 -30.02 18.86
CA VAL B 216 21.19 -29.01 18.34
C VAL B 216 22.65 -29.48 18.45
N VAL B 217 22.99 -30.20 19.52
CA VAL B 217 24.33 -30.78 19.70
C VAL B 217 24.65 -31.80 18.59
N LYS B 218 23.70 -32.68 18.30
CA LYS B 218 23.84 -33.67 17.22
C LYS B 218 23.99 -33.03 15.84
N LYS B 219 23.35 -31.87 15.64
CA LYS B 219 23.45 -31.11 14.39
C LYS B 219 24.81 -30.45 14.20
N ILE B 220 25.36 -29.91 15.29
CA ILE B 220 26.69 -29.29 15.28
C ILE B 220 27.79 -30.33 15.04
N LYS B 221 27.63 -31.52 15.62
CA LYS B 221 28.55 -32.64 15.39
C LYS B 221 28.59 -33.10 13.93
N ARG B 222 27.43 -33.06 13.27
CA ARG B 222 27.31 -33.46 11.85
C ARG B 222 27.49 -32.31 10.83
N ALA B 223 27.95 -31.14 11.30
CA ALA B 223 28.20 -30.01 10.41
C ALA B 223 29.40 -30.28 9.50
N VAL B 224 29.24 -30.05 8.20
CA VAL B 224 30.32 -30.32 7.23
C VAL B 224 31.45 -29.31 7.41
N THR B 225 32.69 -29.77 7.21
CA THR B 225 33.88 -28.95 7.40
C THR B 225 34.70 -28.94 6.10
N ASP B 226 35.84 -29.65 6.06
CA ASP B 226 36.70 -29.69 4.87
C ASP B 226 37.69 -30.87 4.93
N SER B 227 38.38 -31.10 3.82
CA SER B 227 39.29 -32.24 3.67
C SER B 227 40.76 -31.95 4.02
N ASP B 228 41.05 -30.81 4.63
CA ASP B 228 42.44 -30.39 4.92
C ASP B 228 43.18 -31.41 5.78
N GLU B 229 44.43 -31.69 5.42
CA GLU B 229 45.27 -32.67 6.10
C GLU B 229 46.65 -32.08 6.42
N PRO B 230 46.99 -31.86 7.70
CA PRO B 230 46.13 -32.13 8.86
C PRO B 230 44.93 -31.18 8.96
N PRO B 231 43.87 -31.58 9.70
CA PRO B 231 42.79 -30.63 10.00
C PRO B 231 43.29 -29.48 10.87
N VAL B 232 42.93 -28.26 10.49
CA VAL B 232 43.36 -27.03 11.19
C VAL B 232 42.16 -26.11 11.39
N VAL B 233 42.00 -25.62 12.62
CA VAL B 233 40.92 -24.67 12.95
C VAL B 233 41.42 -23.25 12.64
N ARG B 234 41.04 -22.74 11.47
CA ARG B 234 41.44 -21.42 11.00
C ARG B 234 40.31 -20.77 10.19
N TYR B 235 40.08 -19.48 10.42
CA TYR B 235 39.02 -18.74 9.74
C TYR B 235 39.43 -18.46 8.29
N ASP B 236 38.64 -18.97 7.34
CA ASP B 236 38.90 -18.82 5.91
C ASP B 236 37.61 -19.19 5.15
N VAL B 237 36.83 -18.17 4.78
CA VAL B 237 35.49 -18.39 4.21
C VAL B 237 35.53 -19.07 2.84
N GLN B 238 36.55 -18.75 2.04
CA GLN B 238 36.68 -19.27 0.67
C GLN B 238 37.03 -20.77 0.65
N ASN B 239 38.04 -21.14 1.44
CA ASN B 239 38.56 -22.52 1.46
C ASN B 239 37.92 -23.40 2.54
N LYS B 240 37.63 -22.81 3.71
CA LYS B 240 37.18 -23.55 4.89
C LYS B 240 35.86 -22.97 5.44
N ALA B 241 34.83 -22.98 4.60
CA ALA B 241 33.54 -22.31 4.89
C ALA B 241 32.82 -22.85 6.13
N GLY B 242 32.83 -24.17 6.29
CA GLY B 242 32.17 -24.82 7.42
C GLY B 242 32.85 -24.59 8.76
N VAL B 243 34.17 -24.67 8.77
CA VAL B 243 34.99 -24.39 9.97
C VAL B 243 34.86 -22.92 10.38
N SER B 244 34.87 -22.03 9.40
CA SER B 244 34.73 -20.59 9.63
C SER B 244 33.36 -20.22 10.20
N ASN B 245 32.31 -20.85 9.66
CA ASN B 245 30.94 -20.69 10.19
C ASN B 245 30.83 -21.15 11.65
N LEU B 246 31.50 -22.26 11.98
CA LEU B 246 31.56 -22.75 13.37
C LEU B 246 32.32 -21.80 14.29
N LEU B 247 33.46 -21.28 13.81
CA LEU B 247 34.21 -20.25 14.54
C LEU B 247 33.39 -18.97 14.74
N ASP B 248 32.68 -18.55 13.69
CA ASP B 248 31.81 -17.38 13.74
C ASP B 248 30.69 -17.52 14.79
N ILE B 249 30.08 -18.70 14.84
CA ILE B 249 29.04 -19.01 15.83
C ILE B 249 29.61 -19.02 17.26
N LEU B 250 30.77 -19.64 17.45
CA LEU B 250 31.42 -19.73 18.77
C LEU B 250 31.82 -18.35 19.29
N SER B 251 32.49 -17.58 18.42
CA SER B 251 32.92 -16.21 18.72
C SER B 251 31.78 -15.32 19.23
N ALA B 252 30.62 -15.41 18.57
CA ALA B 252 29.47 -14.57 18.89
C ALA B 252 28.77 -14.96 20.19
N VAL B 253 28.68 -16.26 20.48
CA VAL B 253 28.08 -16.74 21.73
C VAL B 253 28.98 -16.41 22.92
N THR B 254 30.25 -16.80 22.85
CA THR B 254 31.21 -16.63 23.95
C THR B 254 31.68 -15.18 24.12
N GLY B 255 31.88 -14.48 23.00
CA GLY B 255 32.43 -13.12 23.00
C GLY B 255 33.90 -13.03 22.57
N GLN B 256 34.56 -14.19 22.45
CA GLN B 256 35.98 -14.24 22.10
C GLN B 256 36.21 -13.97 20.61
N SER B 257 37.37 -13.42 20.28
CA SER B 257 37.71 -13.04 18.90
C SER B 257 38.19 -14.24 18.07
N ILE B 258 38.33 -14.02 16.76
CA ILE B 258 38.80 -15.05 15.82
C ILE B 258 40.25 -15.50 16.12
N PRO B 259 41.22 -14.55 16.20
CA PRO B 259 42.59 -14.96 16.53
C PRO B 259 42.75 -15.58 17.93
N GLU B 260 41.93 -15.15 18.88
CA GLU B 260 41.89 -15.76 20.22
C GLU B 260 41.46 -17.22 20.16
N LEU B 261 40.42 -17.50 19.37
CA LEU B 261 39.94 -18.87 19.17
C LEU B 261 40.92 -19.74 18.38
N GLU B 262 41.56 -19.16 17.36
CA GLU B 262 42.60 -19.88 16.61
C GLU B 262 43.79 -20.29 17.49
N LYS B 263 44.17 -19.41 18.41
CA LYS B 263 45.20 -19.73 19.41
C LYS B 263 44.74 -20.80 20.39
N GLN B 264 43.47 -20.71 20.80
CA GLN B 264 42.85 -21.70 21.69
C GLN B 264 42.81 -23.11 21.08
N PHE B 265 42.49 -23.19 19.78
CA PHE B 265 42.47 -24.45 19.04
C PHE B 265 43.79 -24.75 18.30
N GLU B 266 44.90 -24.20 18.78
CA GLU B 266 46.22 -24.46 18.21
C GLU B 266 46.67 -25.86 18.64
N GLY B 267 47.01 -26.70 17.67
CA GLY B 267 47.29 -28.12 17.92
C GLY B 267 46.06 -28.98 18.16
N LYS B 268 44.88 -28.45 17.83
CA LYS B 268 43.60 -29.15 17.99
C LYS B 268 42.98 -29.38 16.61
N MET B 269 41.93 -30.20 16.58
CA MET B 269 41.22 -30.54 15.34
C MET B 269 39.72 -30.27 15.50
N TYR B 270 38.91 -30.70 14.54
CA TYR B 270 37.48 -30.31 14.50
C TYR B 270 36.60 -30.93 15.59
N GLY B 271 37.11 -31.95 16.29
CA GLY B 271 36.45 -32.49 17.49
C GLY B 271 36.36 -31.46 18.60
N HIS B 272 37.47 -30.79 18.89
CA HIS B 272 37.52 -29.72 19.89
C HIS B 272 36.66 -28.51 19.50
N LEU B 273 36.69 -28.14 18.23
CA LEU B 273 35.89 -27.03 17.70
C LEU B 273 34.39 -27.28 17.88
N LYS B 274 33.92 -28.41 17.36
CA LYS B 274 32.50 -28.79 17.45
C LYS B 274 32.02 -29.03 18.87
N GLY B 275 32.91 -29.51 19.74
CA GLY B 275 32.61 -29.66 21.17
C GLY B 275 32.36 -28.35 21.87
N GLU B 276 33.19 -27.34 21.58
CA GLU B 276 33.04 -26.00 22.14
C GLU B 276 31.80 -25.25 21.63
N VAL B 277 31.51 -25.39 20.34
CA VAL B 277 30.31 -24.80 19.74
C VAL B 277 29.05 -25.44 20.34
N ALA B 278 29.04 -26.78 20.41
CA ALA B 278 27.93 -27.54 20.98
C ALA B 278 27.65 -27.18 22.45
N ASP B 279 28.70 -27.04 23.25
CA ASP B 279 28.56 -26.66 24.67
C ASP B 279 28.10 -25.21 24.84
N ALA B 280 28.73 -24.29 24.11
CA ALA B 280 28.41 -22.85 24.20
C ALA B 280 26.99 -22.55 23.75
N VAL B 281 26.58 -23.14 22.62
CA VAL B 281 25.25 -22.93 22.05
C VAL B 281 24.15 -23.61 22.88
N SER B 282 24.43 -24.79 23.43
CA SER B 282 23.45 -25.54 24.25
C SER B 282 23.11 -24.82 25.55
N GLY B 283 24.11 -24.25 26.22
CA GLY B 283 23.91 -23.45 27.43
C GLY B 283 23.14 -22.17 27.19
N MET B 284 23.33 -21.57 26.02
CA MET B 284 22.58 -20.38 25.59
C MET B 284 21.10 -20.69 25.40
N LEU B 285 20.80 -21.73 24.63
CA LEU B 285 19.42 -22.11 24.31
C LEU B 285 18.64 -22.68 25.50
N THR B 286 19.33 -23.37 26.42
CA THR B 286 18.70 -23.85 27.66
C THR B 286 18.25 -22.68 28.54
N GLU B 287 19.15 -21.72 28.74
CA GLU B 287 18.85 -20.50 29.50
C GLU B 287 17.76 -19.65 28.82
N LEU B 288 17.84 -19.54 27.50
CA LEU B 288 16.87 -18.75 26.71
C LEU B 288 15.48 -19.37 26.70
N GLN B 289 15.40 -20.69 26.49
CA GLN B 289 14.12 -21.42 26.49
C GLN B 289 13.46 -21.47 27.87
N GLU B 290 14.28 -21.46 28.92
CA GLU B 290 13.77 -21.42 30.30
C GLU B 290 13.04 -20.11 30.59
N ARG B 291 13.56 -19.00 30.07
CA ARG B 291 12.88 -17.69 30.20
C ARG B 291 11.67 -17.61 29.25
N TYR B 292 11.80 -18.20 28.05
CA TYR B 292 10.76 -18.13 27.00
C TYR B 292 9.39 -18.63 27.43
N HIS B 293 9.34 -19.87 27.94
CA HIS B 293 8.06 -20.49 28.35
C HIS B 293 7.37 -19.72 29.47
N ARG B 294 8.17 -19.18 30.38
CA ARG B 294 7.69 -18.30 31.46
C ARG B 294 6.99 -17.04 30.89
N PHE B 295 7.53 -16.48 29.82
CA PHE B 295 6.89 -15.35 29.12
C PHE B 295 5.74 -15.78 28.20
N ARG B 296 5.94 -16.87 27.46
CA ARG B 296 5.02 -17.30 26.41
C ARG B 296 3.66 -17.81 26.93
N ASN B 297 3.66 -18.45 28.10
CA ASN B 297 2.43 -18.96 28.72
C ASN B 297 1.69 -17.92 29.57
N ASP B 298 2.24 -16.70 29.68
CA ASP B 298 1.63 -15.61 30.44
C ASP B 298 0.95 -14.66 29.45
N GLU B 299 -0.27 -15.03 29.05
CA GLU B 299 -1.01 -14.28 28.00
C GLU B 299 -1.41 -12.87 28.43
N ALA B 300 -1.76 -12.68 29.71
CA ALA B 300 -2.09 -11.36 30.24
C ALA B 300 -0.92 -10.38 30.11
N PHE B 301 0.29 -10.89 30.36
CA PHE B 301 1.52 -10.10 30.21
C PHE B 301 1.81 -9.75 28.75
N LEU B 302 1.70 -10.74 27.87
CA LEU B 302 1.93 -10.52 26.43
C LEU B 302 0.93 -9.51 25.85
N GLN B 303 -0.33 -9.63 26.24
CA GLN B 303 -1.37 -8.68 25.85
C GLN B 303 -1.08 -7.24 26.31
N GLN B 304 -0.54 -7.10 27.52
CA GLN B 304 -0.15 -5.78 28.07
C GLN B 304 1.03 -5.16 27.31
N VAL B 305 2.02 -5.97 26.92
CA VAL B 305 3.19 -5.49 26.16
C VAL B 305 2.77 -4.95 24.79
N MET B 306 1.92 -5.70 24.08
CA MET B 306 1.39 -5.28 22.77
C MET B 306 0.55 -4.01 22.87
N LYS B 307 -0.31 -3.97 23.89
CA LYS B 307 -1.13 -2.79 24.21
C LYS B 307 -0.29 -1.53 24.42
N ASP B 308 0.71 -1.63 25.29
CA ASP B 308 1.58 -0.48 25.61
C ASP B 308 2.50 -0.09 24.45
N GLY B 309 3.01 -1.08 23.73
CA GLY B 309 3.93 -0.83 22.61
C GLY B 309 3.29 -0.16 21.41
N ALA B 310 2.13 -0.66 21.01
CA ALA B 310 1.36 -0.05 19.91
C ALA B 310 0.91 1.37 20.25
N GLU B 311 0.64 1.60 21.54
CA GLU B 311 0.26 2.93 22.05
C GLU B 311 1.42 3.92 21.98
N LYS B 312 2.60 3.50 22.43
CA LYS B 312 3.82 4.29 22.30
C LYS B 312 4.22 4.53 20.84
N ALA B 313 4.10 3.48 20.02
CA ALA B 313 4.44 3.55 18.60
C ALA B 313 3.53 4.49 17.80
N SER B 314 2.22 4.44 18.06
CA SER B 314 1.23 5.29 17.37
C SER B 314 1.49 6.79 17.54
N ALA B 315 1.97 7.20 18.72
CA ALA B 315 2.31 8.59 18.98
C ALA B 315 3.41 9.09 18.04
N HIS B 316 4.49 8.31 17.92
CA HIS B 316 5.57 8.61 16.98
C HIS B 316 5.12 8.53 15.52
N ALA B 317 4.38 7.47 15.20
CA ALA B 317 3.95 7.19 13.82
C ALA B 317 2.99 8.25 13.26
N SER B 318 1.99 8.62 14.06
CA SER B 318 1.00 9.63 13.65
C SER B 318 1.63 10.99 13.35
N ARG B 319 2.60 11.40 14.18
CA ARG B 319 3.31 12.68 13.99
C ARG B 319 4.05 12.75 12.65
N THR B 320 4.76 11.68 12.31
CA THR B 320 5.48 11.59 11.02
C THR B 320 4.53 11.57 9.82
N LEU B 321 3.50 10.72 9.87
CA LEU B 321 2.52 10.60 8.78
C LEU B 321 1.75 11.90 8.54
N LYS B 322 1.45 12.65 9.61
CA LYS B 322 0.79 13.95 9.50
C LYS B 322 1.65 14.94 8.70
N ALA B 323 2.95 14.94 8.97
CA ALA B 323 3.92 15.78 8.25
C ALA B 323 4.11 15.33 6.79
N VAL B 324 4.07 14.02 6.55
CA VAL B 324 4.13 13.46 5.18
C VAL B 324 2.91 13.90 4.37
N TYR B 325 1.73 13.70 4.95
CA TYR B 325 0.44 14.05 4.32
C TYR B 325 0.31 15.56 4.07
N GLU B 326 0.83 16.38 4.98
CA GLU B 326 0.85 17.84 4.78
C GLU B 326 1.78 18.23 3.64
N ALA B 327 2.94 17.59 3.55
CA ALA B 327 3.96 17.92 2.55
C ALA B 327 3.57 17.52 1.13
N ILE B 328 3.05 16.30 0.96
CA ILE B 328 2.57 15.83 -0.35
C ILE B 328 1.26 16.50 -0.79
N GLY B 329 0.53 17.08 0.16
CA GLY B 329 -0.59 17.98 -0.14
C GLY B 329 -1.98 17.39 -0.02
N PHE B 330 -2.18 16.45 0.89
CA PHE B 330 -3.52 15.95 1.20
C PHE B 330 -4.24 16.93 2.12
N VAL B 331 -5.58 16.89 2.06
CA VAL B 331 -6.42 17.64 3.00
C VAL B 331 -6.32 16.91 4.33
N ALA B 332 -5.98 17.64 5.39
CA ALA B 332 -5.73 17.06 6.71
C ALA B 332 -7.04 16.53 7.34
N LYS B 333 -6.95 15.36 7.94
CA LYS B 333 -8.07 14.75 8.66
C LYS B 333 -8.34 15.57 9.94
N ARG B 334 -9.61 15.85 10.20
CA ARG B 334 -10.02 16.64 11.37
C ARG B 334 -11.39 16.22 11.87
C1 O9F C . 1.98 -0.72 0.62
O1 O9F C . -2.05 -1.38 -2.25
C2 O9F C . 1.83 -1.21 -0.67
C3 O9F C . 0.59 -1.18 -1.27
C4 O9F C . -0.52 -0.67 -0.61
C5 O9F C . -1.84 -0.64 -1.30
C6 O9F C . -2.91 0.29 -0.81
C7 O9F C . -0.36 -0.18 0.70
C8 O9F C . 0.89 -0.21 1.30
O O9F C . 3.19 -0.72 1.28
C O9F C . 4.36 -0.39 0.54
P TYM D . 13.49 -11.81 9.16
O1P TYM D . 12.68 -12.23 10.37
O2P TYM D . 13.55 -12.70 7.95
O5' TYM D . 14.99 -11.51 9.66
C5' TYM D . 15.20 -11.00 10.98
C4' TYM D . 16.60 -10.43 11.12
O4' TYM D . 17.56 -11.48 11.11
C1' TYM D . 18.56 -11.25 10.10
N9 TYM D . 18.95 -12.56 9.51
C4 TYM D . 20.15 -13.11 9.64
N3 TYM D . 21.31 -12.73 10.25
C2 TYM D . 22.42 -13.50 10.21
N1 TYM D . 22.45 -14.70 9.58
C6 TYM D . 21.37 -15.20 8.94
N6 TYM D . 21.44 -16.41 8.32
C5 TYM D . 20.12 -14.40 8.93
N7 TYM D . 18.87 -14.52 8.45
C8 TYM D . 18.18 -13.41 8.80
C2' TYM D . 17.95 -10.26 9.13
O2' TYM D . 18.95 -9.41 8.55
C3' TYM D . 16.96 -9.47 9.99
O3' TYM D . 17.53 -8.27 10.53
NH3 TYM D . 13.04 -7.64 6.36
CA TYM D . 13.36 -8.00 7.72
CB TYM D . 12.19 -7.67 8.64
CG TYM D . 11.88 -6.19 8.67
CD2 TYM D . 12.72 -5.07 9.14
CE2 TYM D . 11.89 -3.85 8.93
CE3 TYM D . 14.00 -4.97 9.65
CD1 TYM D . 10.69 -5.61 8.26
NE1 TYM D . 10.72 -4.25 8.41
CZ2 TYM D . 12.43 -2.62 9.28
CZ3 TYM D . 14.50 -3.70 9.99
CH2 TYM D . 13.73 -2.55 9.80
C TYM D . 13.67 -9.48 7.78
O TYM D . 14.52 -9.96 7.05
OPP TYM D . 12.95 -10.36 8.70
S SO4 E . 14.59 -16.95 5.28
O1 SO4 E . 14.40 -15.72 4.47
O2 SO4 E . 15.43 -16.64 6.46
O3 SO4 E . 13.27 -17.45 5.74
O4 SO4 E . 15.24 -17.98 4.44
#